data_6JWY
#
_entry.id   6JWY
#
_cell.length_a   98.433
_cell.length_b   137.153
_cell.length_c   137.738
_cell.angle_alpha   90.000
_cell.angle_beta   90.000
_cell.angle_gamma   90.000
#
_symmetry.space_group_name_H-M   'P 21 21 21'
#
loop_
_entity.id
_entity.type
_entity.pdbx_description
1 polymer '7,8-dihydro-6-hydroxymethylpterin pyrophosphokinase-dihydropteroate synthase'
2 non-polymer 4-[(2-azanyl-4-oxidanylidene-7,8-dihydro-3~{H}-pteridin-6-yl)methylamino]-~{N}-(5,6-dimethoxypyrimidin-4-yl)benzenesulfonamide
3 non-polymer 2-AMINO-6-HYDROXYMETHYL-7,8-DIHYDRO-3H-PTERIDIN-4-ONE
4 non-polymer "ADENOSINE-5'-TRIPHOSPHATE"
5 non-polymer 'MAGNESIUM ION'
6 non-polymer 'CALCIUM ION'
7 non-polymer 'ACETATE ION'
8 water water
#
_entity_poly.entity_id   1
_entity_poly.type   'polypeptide(L)'
_entity_poly.pdbx_seq_one_letter_code
;METIQELILSEENKTNIAVLNLGTNDRRNAVLILETALHLVEKYLGKIINTSYLYETVPEYIVLDKKESCEKINKDCRIY
DVNYINELMQNLEESKYEENKELIDKCEEYETFLKNGKVDNSILKEVNVENYLLECNNIIVKNDEIMKNNLSKYKDKYYT
SYFYNLTVVVKTFVNDPLSMLVVIKYIEELMKRENVKEKEKFENRIIDIDILFFNDFTIFMKNIKLEKNMIYKILSKYIH
LERDIKNGNDNMSKVNMDKDINLNNNNNIKKKNNNDIDCDCVDQKMNNHVNNKNYINSFRDPQEIINNMVDNIEFLSIPH
VYTTHRYSILLCLNDMIPEYKHNVLNNTIRCLYNKYVSRMKEQYNINIKENNKRIYVLKDRISYLKEKTNIVGILNVNYD
SFSDGGIFVEPKRAVQRMFEMINEGASVIDIGGESSGPFVIPNPKISERDLVVPVLQLFQKEWNDIKNKIVKCDAKPIIS
IDTINYNVFKECVDNDLVDILNDISACTNNPEIIKLLKKKNKFYSVVLMHKRGNPHTMDKLTNYDNLVYDIKNYLEQRLN
FLVLNGIPRYRILFDIGLGFAKKHDQSIKLLQNIHVYDEYPLFIGYSRKRFIAHCMNDQNVVINTQQKLHDEQQNENKNI
VDKSHNWMFQMNYMRKDKDQLLYQKNICGGLAIASYSYYKKVDLIRVHDVLETKSVLDVLTKIDQVKDPNSSSVDKLAAA
LEHHHHHH
;
_entity_poly.pdbx_strand_id   A,B
#
# COMPACT_ATOMS: atom_id res chain seq x y z
N GLU A 6 54.03 35.39 4.02
CA GLU A 6 53.29 34.31 3.29
C GLU A 6 53.78 32.94 3.73
N LEU A 7 53.42 32.60 4.98
CA LEU A 7 53.51 31.26 5.52
C LEU A 7 52.35 30.42 4.98
N ILE A 8 51.72 30.91 3.90
CA ILE A 8 50.65 30.20 3.20
C ILE A 8 51.29 29.19 2.23
N LEU A 9 52.54 29.45 1.85
CA LEU A 9 53.24 28.55 0.96
C LEU A 9 54.13 27.60 1.77
N SER A 10 53.74 27.36 3.03
CA SER A 10 54.50 26.54 3.96
C SER A 10 54.83 25.19 3.33
N GLU A 11 56.12 24.83 3.44
CA GLU A 11 56.70 23.63 2.84
C GLU A 11 56.05 22.38 3.41
N GLU A 12 55.46 22.53 4.61
CA GLU A 12 55.03 21.43 5.45
C GLU A 12 53.82 20.72 4.85
N ASN A 13 53.98 19.41 4.59
CA ASN A 13 52.97 18.58 3.97
C ASN A 13 52.00 18.07 5.03
N LYS A 14 50.89 18.79 5.17
CA LYS A 14 49.85 18.47 6.14
C LYS A 14 48.68 17.80 5.41
N THR A 15 47.84 17.11 6.20
CA THR A 15 46.63 16.49 5.71
C THR A 15 45.44 17.11 6.44
N ASN A 16 44.54 17.76 5.68
CA ASN A 16 43.37 18.37 6.30
C ASN A 16 42.08 17.66 5.87
N ILE A 17 41.02 17.91 6.63
CA ILE A 17 39.67 17.48 6.29
C ILE A 17 38.85 18.72 5.92
N ALA A 18 38.20 18.67 4.74
CA ALA A 18 37.36 19.75 4.27
C ALA A 18 36.01 19.17 3.81
N VAL A 19 34.96 19.97 4.04
CA VAL A 19 33.62 19.56 3.67
C VAL A 19 33.11 20.55 2.64
N LEU A 20 32.71 20.05 1.46
CA LEU A 20 32.39 20.94 0.36
C LEU A 20 30.91 20.84 0.04
N ASN A 21 30.38 21.87 -0.65
CA ASN A 21 29.03 21.89 -1.18
C ASN A 21 29.12 22.14 -2.67
N LEU A 22 28.37 21.37 -3.45
CA LEU A 22 28.36 21.54 -4.89
C LEU A 22 26.91 21.77 -5.30
N GLY A 23 26.70 22.74 -6.19
CA GLY A 23 25.37 23.00 -6.71
C GLY A 23 25.41 23.34 -8.20
N THR A 24 24.33 22.96 -8.88
CA THR A 24 24.05 23.43 -10.23
C THR A 24 22.54 23.56 -10.44
N ASN A 25 22.15 24.27 -11.51
CA ASN A 25 20.75 24.48 -11.85
C ASN A 25 20.36 23.69 -13.10
N ASP A 26 21.35 23.03 -13.72
CA ASP A 26 21.17 22.33 -14.98
C ASP A 26 20.68 20.90 -14.72
N ARG A 27 19.35 20.73 -14.71
CA ARG A 27 18.70 19.45 -14.43
C ARG A 27 19.15 18.37 -15.40
N ARG A 28 19.22 18.70 -16.70
CA ARG A 28 19.48 17.69 -17.71
C ARG A 28 20.94 17.26 -17.66
N ASN A 29 21.80 18.08 -17.05
CA ASN A 29 23.24 17.80 -17.09
C ASN A 29 23.85 17.72 -15.68
N ALA A 30 23.00 17.77 -14.64
CA ALA A 30 23.39 17.78 -13.24
C ALA A 30 24.44 16.70 -12.91
N VAL A 31 24.18 15.46 -13.33
CA VAL A 31 25.08 14.35 -13.06
C VAL A 31 26.45 14.72 -13.61
N LEU A 32 26.46 15.19 -14.84
CA LEU A 32 27.72 15.33 -15.56
C LEU A 32 28.43 16.55 -15.01
N ILE A 33 27.67 17.61 -14.74
CA ILE A 33 28.26 18.79 -14.12
C ILE A 33 28.90 18.35 -12.82
N LEU A 34 28.12 17.76 -11.92
CA LEU A 34 28.58 17.47 -10.57
C LEU A 34 29.69 16.42 -10.59
N GLU A 35 29.56 15.38 -11.43
CA GLU A 35 30.59 14.36 -11.45
C GLU A 35 31.88 14.93 -12.01
N THR A 36 31.78 15.95 -12.88
CA THR A 36 32.95 16.66 -13.40
C THR A 36 33.64 17.37 -12.24
N ALA A 37 32.87 18.05 -11.39
CA ALA A 37 33.40 18.67 -10.20
C ALA A 37 34.07 17.63 -9.29
N LEU A 38 33.44 16.46 -9.12
CA LEU A 38 34.00 15.46 -8.22
C LEU A 38 35.38 15.08 -8.75
N HIS A 39 35.48 14.87 -10.07
CA HIS A 39 36.74 14.47 -10.66
C HIS A 39 37.82 15.50 -10.39
N LEU A 40 37.47 16.79 -10.54
CA LEU A 40 38.45 17.85 -10.36
C LEU A 40 38.80 18.01 -8.88
N VAL A 41 37.84 17.80 -7.99
CA VAL A 41 38.14 17.73 -6.57
C VAL A 41 39.15 16.60 -6.30
N GLU A 42 38.94 15.43 -6.92
CA GLU A 42 39.83 14.29 -6.71
C GLU A 42 41.22 14.61 -7.26
N LYS A 43 41.22 15.40 -8.35
CA LYS A 43 42.45 15.64 -9.08
C LYS A 43 43.27 16.71 -8.37
N TYR A 44 42.63 17.79 -7.91
CA TYR A 44 43.31 18.99 -7.45
C TYR A 44 43.24 19.20 -5.94
N LEU A 45 42.32 18.54 -5.23
CA LEU A 45 42.15 18.90 -3.83
C LEU A 45 42.60 17.83 -2.85
N GLY A 46 42.56 16.54 -3.24
CA GLY A 46 42.90 15.45 -2.33
C GLY A 46 42.10 14.19 -2.62
N LYS A 47 41.63 13.52 -1.56
CA LYS A 47 40.90 12.26 -1.65
C LYS A 47 39.47 12.47 -1.19
N ILE A 48 38.52 12.09 -2.05
CA ILE A 48 37.11 12.11 -1.66
C ILE A 48 36.84 10.92 -0.75
N ILE A 49 36.40 11.19 0.48
CA ILE A 49 36.20 10.10 1.44
C ILE A 49 34.77 10.10 1.95
N ASN A 50 33.91 11.00 1.47
CA ASN A 50 32.49 10.90 1.76
C ASN A 50 31.72 11.72 0.73
N THR A 51 30.46 11.34 0.48
CA THR A 51 29.58 12.12 -0.35
C THR A 51 28.16 11.92 0.16
N SER A 52 27.27 12.87 -0.16
CA SER A 52 25.88 12.73 0.25
C SER A 52 25.13 12.12 -0.92
N TYR A 53 23.81 11.94 -0.79
CA TYR A 53 23.00 11.78 -1.99
C TYR A 53 23.02 13.07 -2.82
N LEU A 54 22.57 12.91 -4.06
CA LEU A 54 22.21 14.00 -4.93
C LEU A 54 20.78 14.44 -4.57
N TYR A 55 20.57 15.77 -4.48
CA TYR A 55 19.22 16.26 -4.22
C TYR A 55 18.75 17.31 -5.23
N GLU A 56 17.46 17.22 -5.55
CA GLU A 56 16.75 18.31 -6.20
C GLU A 56 16.14 19.20 -5.11
N THR A 57 16.60 20.45 -5.05
CA THR A 57 16.16 21.28 -3.92
C THR A 57 15.49 22.57 -4.40
N VAL A 58 14.50 23.01 -3.61
CA VAL A 58 13.81 24.28 -3.78
C VAL A 58 14.81 25.39 -3.49
N PRO A 59 14.94 26.39 -4.40
CA PRO A 59 15.80 27.55 -4.15
C PRO A 59 15.53 28.20 -2.81
N GLU A 60 16.63 28.55 -2.13
CA GLU A 60 16.63 29.25 -0.86
C GLU A 60 17.48 30.50 -0.97
N TYR A 61 16.99 31.48 -1.73
CA TYR A 61 17.62 32.78 -1.82
C TYR A 61 17.35 33.60 -0.55
N ILE A 62 16.09 33.55 -0.07
CA ILE A 62 15.67 34.28 1.12
C ILE A 62 15.78 33.38 2.35
N VAL A 63 16.39 33.91 3.41
CA VAL A 63 16.41 33.28 4.73
C VAL A 63 15.87 34.32 5.74
N VAL A 82 27.69 22.66 -22.41
CA VAL A 82 26.85 21.43 -22.47
C VAL A 82 27.72 20.22 -22.84
N ASN A 83 28.79 20.44 -23.62
CA ASN A 83 29.54 19.36 -24.24
C ASN A 83 31.02 19.72 -24.45
N TYR A 84 31.40 20.95 -24.04
CA TYR A 84 32.79 21.38 -24.09
C TYR A 84 33.57 20.77 -22.92
N ILE A 85 32.83 20.16 -21.98
CA ILE A 85 33.36 19.47 -20.81
C ILE A 85 34.25 18.31 -21.28
N ASN A 86 33.84 17.67 -22.36
CA ASN A 86 34.49 16.45 -22.82
C ASN A 86 35.87 16.81 -23.37
N GLU A 87 35.97 18.03 -23.92
CA GLU A 87 37.22 18.61 -24.40
C GLU A 87 38.09 19.00 -23.21
N LEU A 88 37.47 19.64 -22.22
CA LEU A 88 38.15 20.08 -21.00
C LEU A 88 38.91 18.91 -20.40
N MET A 89 38.23 17.78 -20.27
CA MET A 89 38.78 16.62 -19.59
C MET A 89 39.99 16.07 -20.35
N GLN A 90 40.06 16.38 -21.65
CA GLN A 90 41.15 15.94 -22.51
C GLN A 90 42.39 16.83 -22.33
N ASN A 91 42.22 17.99 -21.66
CA ASN A 91 43.20 19.06 -21.68
C ASN A 91 43.44 19.66 -20.30
N LEU A 92 43.53 18.81 -19.28
CA LEU A 92 43.72 19.33 -17.93
C LEU A 92 45.21 19.43 -17.62
N GLU A 93 45.57 20.42 -16.80
CA GLU A 93 46.94 20.50 -16.32
C GLU A 93 47.12 19.48 -15.20
N GLU A 94 48.33 18.98 -15.02
CA GLU A 94 48.59 17.91 -14.08
C GLU A 94 48.66 18.47 -12.66
N SER A 95 48.16 17.69 -11.68
CA SER A 95 48.30 18.04 -10.28
C SER A 95 49.72 17.70 -9.86
N LYS A 96 50.24 18.47 -8.90
CA LYS A 96 51.57 18.23 -8.38
C LYS A 96 51.48 17.20 -7.26
N TYR A 97 50.28 16.68 -7.02
CA TYR A 97 50.10 15.69 -5.97
C TYR A 97 49.64 14.36 -6.55
N GLU A 98 50.12 13.25 -5.95
CA GLU A 98 49.87 11.96 -6.57
C GLU A 98 48.43 11.54 -6.27
N GLU A 99 47.79 10.95 -7.28
CA GLU A 99 46.61 10.14 -7.08
C GLU A 99 47.02 8.77 -6.54
N ASN A 100 46.29 8.27 -5.55
CA ASN A 100 46.46 6.94 -5.00
C ASN A 100 45.12 6.23 -5.01
N LYS A 101 44.95 5.26 -5.92
CA LYS A 101 43.70 4.53 -5.97
C LYS A 101 43.68 3.37 -4.98
N GLU A 102 44.79 3.09 -4.25
CA GLU A 102 44.75 1.95 -3.34
C GLU A 102 43.54 2.07 -2.43
N LEU A 103 42.96 0.93 -2.06
CA LEU A 103 41.88 0.90 -1.11
C LEU A 103 42.39 1.25 0.28
N ILE A 104 41.55 1.92 1.09
CA ILE A 104 41.82 2.18 2.50
C ILE A 104 40.62 1.71 3.31
N ASP A 105 40.85 1.44 4.61
CA ASP A 105 39.82 0.89 5.48
C ASP A 105 39.46 1.90 6.57
N LYS A 106 40.28 2.94 6.68
CA LYS A 106 40.29 3.82 7.83
C LYS A 106 40.85 5.14 7.35
N CYS A 107 40.47 6.21 8.04
CA CYS A 107 41.12 7.48 7.81
C CYS A 107 41.15 8.21 9.14
N GLU A 108 42.35 8.33 9.72
CA GLU A 108 42.50 8.79 11.09
C GLU A 108 42.17 10.27 11.18
N GLU A 109 42.64 11.05 10.20
CA GLU A 109 42.38 12.49 10.17
C GLU A 109 40.88 12.74 10.16
N TYR A 110 40.14 11.87 9.47
CA TYR A 110 38.68 11.96 9.36
C TYR A 110 38.01 11.63 10.69
N GLU A 111 38.52 10.62 11.39
CA GLU A 111 37.99 10.30 12.71
C GLU A 111 38.28 11.43 13.67
N THR A 112 39.46 12.06 13.52
CA THR A 112 39.83 13.18 14.36
C THR A 112 38.83 14.29 14.11
N PHE A 113 38.54 14.53 12.81
CA PHE A 113 37.62 15.60 12.41
C PHE A 113 36.27 15.40 13.09
N LEU A 114 35.77 14.16 13.14
CA LEU A 114 34.41 13.91 13.59
C LEU A 114 34.27 14.09 15.10
N LYS A 115 35.39 14.02 15.83
CA LYS A 115 35.41 13.83 17.28
C LYS A 115 35.10 15.09 18.10
N ASN A 116 35.89 16.18 18.03
CA ASN A 116 36.77 16.62 16.96
C ASN A 116 38.12 17.05 17.55
N GLY A 117 38.90 16.06 17.98
CA GLY A 117 40.11 16.25 18.77
C GLY A 117 41.24 16.98 18.06
N LYS A 118 42.45 16.77 18.59
CA LYS A 118 43.62 17.62 18.39
C LYS A 118 43.98 17.68 16.91
N VAL A 119 43.87 18.86 16.30
CA VAL A 119 44.53 19.09 15.03
C VAL A 119 45.48 20.29 15.12
N ASP A 120 46.48 20.31 14.21
CA ASP A 120 47.41 21.41 14.02
C ASP A 120 46.65 22.74 14.08
N ASN A 121 47.38 23.81 14.34
CA ASN A 121 46.77 25.11 14.47
C ASN A 121 46.48 25.68 13.07
N SER A 122 45.50 26.58 13.03
CA SER A 122 45.09 27.28 11.83
C SER A 122 46.11 28.36 11.45
N ILE A 123 46.60 28.24 10.21
CA ILE A 123 47.50 29.19 9.58
C ILE A 123 46.77 30.54 9.48
N LEU A 124 45.53 30.52 8.99
CA LEU A 124 44.71 31.72 9.01
C LEU A 124 44.19 31.94 10.42
N LYS A 125 43.88 33.21 10.71
CA LYS A 125 43.47 33.68 12.02
C LYS A 125 41.98 33.43 12.21
N GLU A 126 41.65 32.92 13.41
CA GLU A 126 40.30 32.56 13.78
C GLU A 126 39.63 33.70 14.55
N VAL A 127 38.30 33.66 14.57
CA VAL A 127 37.48 34.50 15.42
C VAL A 127 36.87 33.59 16.48
N ASN A 128 36.33 34.17 17.55
CA ASN A 128 35.59 33.36 18.51
C ASN A 128 34.13 33.29 18.06
N VAL A 129 33.32 32.50 18.80
CA VAL A 129 31.92 32.23 18.49
C VAL A 129 31.12 33.53 18.43
N GLU A 130 31.18 34.33 19.51
CA GLU A 130 30.43 35.58 19.63
C GLU A 130 30.69 36.40 18.38
N ASN A 131 31.99 36.50 18.06
CA ASN A 131 32.44 37.29 16.94
C ASN A 131 31.97 36.65 15.64
N TYR A 132 32.05 35.31 15.56
CA TYR A 132 31.66 34.61 14.35
C TYR A 132 30.18 34.84 14.07
N LEU A 133 29.35 34.67 15.11
CA LEU A 133 27.91 34.79 14.93
C LEU A 133 27.50 36.21 14.53
N LEU A 134 28.22 37.22 15.05
CA LEU A 134 27.89 38.60 14.75
C LEU A 134 28.09 38.84 13.24
N GLU A 135 29.27 38.44 12.75
CA GLU A 135 29.68 38.65 11.37
C GLU A 135 28.85 37.79 10.43
N CYS A 136 28.55 36.55 10.83
CA CYS A 136 27.69 35.64 10.07
C CYS A 136 26.30 36.27 9.94
N ASN A 137 25.66 36.47 11.10
CA ASN A 137 24.34 37.09 11.23
C ASN A 137 24.29 38.35 10.37
N ASN A 138 25.25 39.25 10.61
CA ASN A 138 25.39 40.44 9.78
C ASN A 138 25.13 40.07 8.32
N ILE A 139 25.98 39.20 7.77
CA ILE A 139 26.03 38.93 6.33
C ILE A 139 24.68 38.41 5.84
N ILE A 140 23.96 37.67 6.70
CA ILE A 140 22.68 37.10 6.31
C ILE A 140 21.67 38.21 6.07
N VAL A 141 21.46 39.08 7.08
CA VAL A 141 20.46 40.13 6.97
C VAL A 141 20.77 40.94 5.72
N LYS A 142 21.97 41.50 5.68
CA LYS A 142 22.47 42.22 4.51
C LYS A 142 22.01 41.49 3.24
N ASN A 143 22.36 40.20 3.13
CA ASN A 143 22.12 39.40 1.94
C ASN A 143 20.63 39.23 1.68
N ASP A 144 19.86 38.87 2.72
CA ASP A 144 18.42 38.69 2.60
C ASP A 144 17.83 39.92 1.93
N GLU A 145 18.19 41.10 2.47
CA GLU A 145 17.80 42.41 1.97
C GLU A 145 18.05 42.52 0.47
N ILE A 146 19.30 42.35 0.03
CA ILE A 146 19.67 42.43 -1.38
C ILE A 146 18.69 41.60 -2.20
N MET A 147 18.48 40.34 -1.81
CA MET A 147 17.70 39.39 -2.59
C MET A 147 16.22 39.75 -2.50
N LYS A 148 15.78 40.21 -1.32
CA LYS A 148 14.40 40.57 -1.03
C LYS A 148 13.89 41.59 -2.03
N ASN A 149 14.76 42.55 -2.39
CA ASN A 149 14.39 43.68 -3.24
C ASN A 149 14.14 43.20 -4.67
N ASN A 150 14.66 42.01 -5.00
CA ASN A 150 14.49 41.42 -6.32
C ASN A 150 13.19 40.59 -6.35
N SER A 161 13.28 27.73 -10.86
CA SER A 161 14.21 26.66 -11.33
C SER A 161 14.93 26.04 -10.13
N TYR A 162 15.07 24.70 -10.15
CA TYR A 162 15.55 23.94 -9.00
C TYR A 162 17.07 23.87 -8.95
N PHE A 163 17.61 23.70 -7.73
CA PHE A 163 19.03 23.38 -7.57
C PHE A 163 19.23 21.86 -7.55
N TYR A 164 20.42 21.43 -8.00
CA TYR A 164 20.89 20.08 -7.81
C TYR A 164 22.13 20.09 -6.91
N ASN A 165 21.97 19.58 -5.68
CA ASN A 165 23.00 19.70 -4.66
C ASN A 165 23.67 18.36 -4.32
N LEU A 166 24.87 18.50 -3.77
CA LEU A 166 25.71 17.37 -3.37
C LEU A 166 26.77 17.88 -2.39
N THR A 167 27.02 17.17 -1.29
CA THR A 167 28.18 17.49 -0.48
C THR A 167 29.22 16.38 -0.53
N VAL A 168 30.45 16.70 -0.12
CA VAL A 168 31.64 15.89 -0.33
C VAL A 168 32.54 16.10 0.89
N VAL A 169 33.15 15.03 1.39
CA VAL A 169 34.27 15.23 2.30
C VAL A 169 35.58 14.90 1.57
N VAL A 170 36.54 15.84 1.69
CA VAL A 170 37.84 15.67 1.08
C VAL A 170 38.88 15.56 2.19
N LYS A 171 39.73 14.51 2.12
CA LYS A 171 41.01 14.50 2.80
C LYS A 171 42.00 15.21 1.89
N THR A 172 42.39 16.43 2.26
CA THR A 172 43.00 17.39 1.34
C THR A 172 44.42 17.72 1.79
N PHE A 173 45.28 17.94 0.79
CA PHE A 173 46.68 18.31 1.00
C PHE A 173 46.87 19.81 0.78
N VAL A 174 45.74 20.52 0.60
CA VAL A 174 45.81 21.96 0.51
C VAL A 174 45.93 22.48 1.94
N ASN A 175 46.78 23.49 2.13
CA ASN A 175 47.27 23.87 3.45
C ASN A 175 46.20 24.59 4.25
N ASP A 176 45.37 25.40 3.60
CA ASP A 176 44.42 26.24 4.30
C ASP A 176 43.16 26.47 3.46
N PRO A 177 42.03 26.79 4.14
CA PRO A 177 40.80 27.21 3.48
C PRO A 177 40.90 28.28 2.39
N LEU A 178 41.81 29.25 2.57
CA LEU A 178 41.85 30.32 1.58
C LEU A 178 42.51 29.80 0.31
N SER A 179 43.62 29.09 0.51
CA SER A 179 44.28 28.36 -0.57
C SER A 179 43.31 27.42 -1.28
N MET A 180 42.55 26.63 -0.50
CA MET A 180 41.57 25.74 -1.09
C MET A 180 40.59 26.53 -1.96
N LEU A 181 40.13 27.67 -1.43
CA LEU A 181 39.14 28.50 -2.12
C LEU A 181 39.70 28.99 -3.46
N VAL A 182 41.00 29.27 -3.48
CA VAL A 182 41.64 29.75 -4.70
C VAL A 182 41.51 28.66 -5.76
N VAL A 183 41.94 27.45 -5.39
CA VAL A 183 41.89 26.29 -6.28
C VAL A 183 40.44 26.00 -6.68
N ILE A 184 39.53 26.09 -5.72
CA ILE A 184 38.14 25.88 -6.04
C ILE A 184 37.68 26.87 -7.12
N LYS A 185 38.20 28.09 -7.08
CA LYS A 185 37.72 29.12 -8.00
C LYS A 185 38.28 28.84 -9.39
N TYR A 186 39.52 28.31 -9.45
CA TYR A 186 40.11 27.87 -10.70
C TYR A 186 39.23 26.81 -11.33
N ILE A 187 38.82 25.83 -10.51
CA ILE A 187 37.99 24.73 -10.99
C ILE A 187 36.71 25.31 -11.57
N GLU A 188 36.10 26.28 -10.88
CA GLU A 188 34.84 26.86 -11.33
C GLU A 188 35.02 27.54 -12.69
N GLU A 189 36.18 28.19 -12.90
CA GLU A 189 36.50 28.85 -14.15
C GLU A 189 36.71 27.81 -15.27
N LEU A 190 37.57 26.82 -15.03
CA LEU A 190 37.84 25.76 -15.99
C LEU A 190 36.52 25.20 -16.51
N MET A 191 35.52 25.18 -15.64
CA MET A 191 34.27 24.51 -15.96
C MET A 191 33.33 25.43 -16.74
N LYS A 192 33.82 26.63 -17.07
CA LYS A 192 33.08 27.58 -17.88
C LYS A 192 33.82 27.81 -19.21
N ARG A 193 33.19 28.61 -20.09
CA ARG A 193 33.79 29.04 -21.35
C ARG A 193 34.46 30.40 -21.16
N ARG A 205 26.58 30.18 -13.44
CA ARG A 205 25.70 29.40 -12.53
C ARG A 205 25.71 27.92 -12.92
N ILE A 206 26.70 27.54 -13.74
CA ILE A 206 26.93 26.15 -14.11
C ILE A 206 27.31 25.34 -12.86
N ILE A 207 28.25 25.85 -12.06
CA ILE A 207 28.72 25.17 -10.87
C ILE A 207 29.08 26.19 -9.78
N ASP A 208 28.57 25.95 -8.56
CA ASP A 208 28.99 26.66 -7.36
C ASP A 208 29.56 25.66 -6.36
N ILE A 209 30.83 25.85 -5.96
CA ILE A 209 31.50 24.99 -5.00
C ILE A 209 31.93 25.84 -3.82
N ASP A 210 31.46 25.47 -2.62
CA ASP A 210 31.68 26.25 -1.41
C ASP A 210 32.39 25.37 -0.38
N ILE A 211 33.20 25.99 0.50
CA ILE A 211 33.77 25.27 1.63
C ILE A 211 32.85 25.43 2.83
N LEU A 212 32.26 24.33 3.29
CA LEU A 212 31.38 24.33 4.46
C LEU A 212 32.23 24.29 5.73
N PHE A 213 33.16 23.33 5.84
CA PHE A 213 34.03 23.25 7.01
C PHE A 213 35.47 22.98 6.61
N PHE A 214 36.40 23.30 7.51
CA PHE A 214 37.80 22.97 7.31
C PHE A 214 38.43 22.72 8.67
N ASN A 215 38.71 21.45 8.99
CA ASN A 215 39.13 21.07 10.33
C ASN A 215 38.13 21.67 11.32
N ASP A 216 38.59 22.11 12.49
CA ASP A 216 37.63 22.61 13.45
C ASP A 216 37.68 24.14 13.51
N PHE A 217 38.13 24.75 12.42
CA PHE A 217 38.43 26.17 12.38
C PHE A 217 37.15 27.00 12.40
N THR A 218 37.19 28.11 13.15
CA THR A 218 36.22 29.19 13.02
C THR A 218 36.94 30.42 12.47
N ILE A 219 36.57 30.84 11.25
CA ILE A 219 37.29 31.88 10.53
C ILE A 219 36.26 32.81 9.91
N PHE A 220 36.54 34.13 10.02
CA PHE A 220 35.77 35.17 9.34
C PHE A 220 36.67 36.35 8.97
N MET A 221 37.04 36.41 7.68
CA MET A 221 38.01 37.37 7.17
C MET A 221 37.30 38.24 6.14
N LYS A 222 37.32 39.55 6.41
CA LYS A 222 36.30 40.45 5.89
C LYS A 222 36.69 41.07 4.55
N ASN A 223 37.97 41.42 4.37
CA ASN A 223 38.26 42.20 3.16
C ASN A 223 39.48 41.63 2.46
N ILE A 224 39.33 40.41 1.95
CA ILE A 224 40.43 39.77 1.26
C ILE A 224 40.64 40.52 -0.05
N LYS A 225 41.86 41.00 -0.23
CA LYS A 225 42.35 41.21 -1.57
C LYS A 225 43.68 40.49 -1.68
N LEU A 226 43.81 39.78 -2.80
CA LEU A 226 44.85 38.79 -3.03
C LEU A 226 45.51 39.15 -4.35
N GLU A 227 46.84 39.33 -4.31
CA GLU A 227 47.58 39.72 -5.50
C GLU A 227 47.44 38.66 -6.59
N LYS A 228 47.23 39.14 -7.82
CA LYS A 228 47.22 38.36 -9.05
C LYS A 228 48.37 37.35 -9.05
N ASN A 229 49.52 37.74 -8.47
CA ASN A 229 50.67 36.86 -8.47
C ASN A 229 50.58 35.88 -7.29
N MET A 230 49.87 36.28 -6.23
CA MET A 230 49.68 35.42 -5.06
C MET A 230 48.80 34.24 -5.44
N ILE A 231 47.69 34.52 -6.14
CA ILE A 231 46.86 33.52 -6.79
C ILE A 231 47.73 32.60 -7.66
N TYR A 232 48.53 33.17 -8.57
CA TYR A 232 49.39 32.35 -9.40
C TYR A 232 50.24 31.46 -8.50
N LYS A 233 50.79 32.06 -7.44
CA LYS A 233 51.72 31.37 -6.58
C LYS A 233 51.03 30.19 -5.90
N ILE A 234 49.78 30.39 -5.46
CA ILE A 234 49.00 29.36 -4.76
C ILE A 234 48.64 28.26 -5.75
N LEU A 235 48.06 28.64 -6.87
CA LEU A 235 47.74 27.70 -7.95
C LEU A 235 48.97 26.83 -8.29
N SER A 236 50.14 27.46 -8.43
CA SER A 236 51.33 26.78 -8.92
C SER A 236 51.83 25.75 -7.91
N LYS A 237 51.53 26.01 -6.62
CA LYS A 237 51.95 25.10 -5.58
C LYS A 237 51.33 23.73 -5.83
N TYR A 238 50.05 23.74 -6.26
CA TYR A 238 49.22 22.57 -6.27
C TYR A 238 49.06 22.04 -7.70
N ILE A 239 49.39 22.84 -8.72
CA ILE A 239 49.11 22.50 -10.11
C ILE A 239 50.27 22.89 -11.03
N HIS A 240 50.66 21.98 -11.93
CA HIS A 240 51.61 22.27 -12.99
C HIS A 240 50.92 23.12 -14.04
N LEU A 241 51.08 24.44 -13.94
CA LEU A 241 50.37 25.35 -14.83
C LEU A 241 51.08 25.41 -16.18
N GLU A 242 50.28 25.23 -17.24
CA GLU A 242 50.75 25.30 -18.61
C GLU A 242 50.29 26.64 -19.20
N PRO A 302 45.37 30.45 -20.26
CA PRO A 302 44.95 30.26 -18.86
C PRO A 302 45.49 31.34 -17.91
N GLN A 303 45.36 32.61 -18.33
CA GLN A 303 45.93 33.74 -17.60
C GLN A 303 44.85 34.77 -17.25
N GLU A 304 43.91 34.99 -18.18
CA GLU A 304 42.81 35.92 -18.00
C GLU A 304 41.92 35.47 -16.84
N ILE A 305 41.97 34.16 -16.55
CA ILE A 305 41.21 33.47 -15.52
C ILE A 305 41.60 34.01 -14.15
N ILE A 306 42.91 34.13 -13.91
CA ILE A 306 43.47 34.60 -12.66
C ILE A 306 43.06 36.06 -12.43
N ASN A 307 42.68 36.74 -13.52
CA ASN A 307 42.21 38.11 -13.46
C ASN A 307 40.79 38.14 -12.88
N ASN A 308 39.98 37.14 -13.25
CA ASN A 308 38.60 37.04 -12.82
C ASN A 308 38.55 36.71 -11.33
N MET A 309 39.51 35.90 -10.88
CA MET A 309 39.48 35.30 -9.56
C MET A 309 39.71 36.37 -8.48
N VAL A 310 40.53 37.39 -8.79
CA VAL A 310 40.89 38.45 -7.85
C VAL A 310 39.63 39.20 -7.41
N ASP A 311 38.74 39.46 -8.38
CA ASP A 311 37.44 40.06 -8.14
C ASP A 311 36.66 39.18 -7.17
N ASN A 312 36.68 37.86 -7.42
CA ASN A 312 35.67 36.93 -6.94
C ASN A 312 35.88 36.55 -5.47
N ILE A 313 37.11 36.64 -4.96
CA ILE A 313 37.35 36.27 -3.58
C ILE A 313 37.42 37.55 -2.75
N GLU A 314 36.40 37.75 -1.90
CA GLU A 314 36.20 39.04 -1.25
C GLU A 314 36.19 38.88 0.28
N PHE A 315 35.58 37.79 0.76
CA PHE A 315 35.70 37.39 2.17
C PHE A 315 35.82 35.87 2.25
N LEU A 316 36.04 35.35 3.47
CA LEU A 316 36.04 33.93 3.75
C LEU A 316 35.39 33.65 5.09
N SER A 317 34.38 32.76 5.08
CA SER A 317 33.65 32.35 6.27
C SER A 317 33.69 30.84 6.45
N ILE A 318 34.24 30.39 7.59
CA ILE A 318 34.24 28.98 7.95
C ILE A 318 33.66 28.85 9.37
N PRO A 319 32.56 28.09 9.61
CA PRO A 319 31.73 27.51 8.56
C PRO A 319 31.17 28.51 7.58
N HIS A 320 30.87 28.05 6.37
CA HIS A 320 30.13 28.83 5.40
C HIS A 320 28.90 29.42 6.09
N VAL A 321 28.57 30.65 5.71
CA VAL A 321 27.51 31.42 6.35
C VAL A 321 26.18 30.68 6.31
N TYR A 322 25.91 29.99 5.19
CA TYR A 322 24.57 29.46 4.99
C TYR A 322 24.36 28.10 5.66
N THR A 323 25.44 27.49 6.14
CA THR A 323 25.47 26.13 6.63
C THR A 323 24.22 25.80 7.43
N THR A 324 23.86 26.73 8.31
CA THR A 324 22.88 26.51 9.36
C THR A 324 21.48 26.95 8.89
N HIS A 325 21.44 27.68 7.76
CA HIS A 325 20.29 28.46 7.33
C HIS A 325 19.60 27.84 6.12
N ARG A 326 20.30 26.94 5.41
CA ARG A 326 19.81 26.42 4.14
C ARG A 326 19.45 24.94 4.29
N TYR A 327 18.19 24.61 4.06
CA TYR A 327 17.76 23.22 4.19
C TYR A 327 18.66 22.29 3.35
N SER A 328 18.83 22.65 2.07
CA SER A 328 19.48 21.77 1.12
C SER A 328 20.85 21.38 1.63
N ILE A 329 21.51 22.30 2.35
CA ILE A 329 22.83 22.05 2.88
C ILE A 329 22.73 21.09 4.06
N LEU A 330 21.76 21.28 4.95
CA LEU A 330 21.67 20.38 6.11
C LEU A 330 21.25 18.99 5.62
N LEU A 331 20.42 18.96 4.57
CA LEU A 331 19.92 17.73 3.97
C LEU A 331 21.12 16.87 3.58
N CYS A 332 22.04 17.49 2.84
CA CYS A 332 23.24 16.82 2.36
C CYS A 332 24.13 16.40 3.53
N LEU A 333 24.33 17.28 4.53
CA LEU A 333 25.24 16.95 5.60
C LEU A 333 24.73 15.77 6.40
N ASN A 334 23.40 15.70 6.55
CA ASN A 334 22.79 14.70 7.40
C ASN A 334 23.17 13.29 6.91
N ASP A 335 23.42 13.19 5.59
CA ASP A 335 23.83 11.96 4.94
C ASP A 335 25.23 11.56 5.41
N MET A 336 26.11 12.55 5.60
CA MET A 336 27.53 12.26 5.73
C MET A 336 27.96 12.23 7.18
N ILE A 337 27.61 13.25 7.95
CA ILE A 337 28.29 13.44 9.22
C ILE A 337 27.25 13.81 10.25
N PRO A 338 26.23 12.95 10.48
CA PRO A 338 25.09 13.34 11.32
C PRO A 338 25.53 13.70 12.74
N GLU A 339 26.59 13.03 13.21
CA GLU A 339 27.00 13.16 14.59
C GLU A 339 27.86 14.42 14.81
N TYR A 340 28.24 15.09 13.73
CA TYR A 340 29.30 16.08 13.82
C TYR A 340 28.81 17.35 14.52
N LYS A 341 29.68 17.97 15.31
CA LYS A 341 29.37 19.23 15.97
C LYS A 341 30.55 20.21 15.88
N HIS A 342 30.37 21.28 15.12
CA HIS A 342 31.28 22.41 15.10
C HIS A 342 31.00 23.29 16.32
N ASN A 343 32.00 24.10 16.74
CA ASN A 343 31.91 24.89 17.95
C ASN A 343 30.89 26.00 17.78
N VAL A 344 30.66 26.36 16.52
CA VAL A 344 29.84 27.50 16.17
C VAL A 344 28.39 27.06 16.00
N LEU A 345 28.11 25.75 16.19
CA LEU A 345 26.77 25.21 15.98
C LEU A 345 26.14 24.78 17.31
N ASN A 346 24.84 25.08 17.48
CA ASN A 346 24.08 24.77 18.69
C ASN A 346 23.99 23.27 18.91
N ASN A 347 23.86 22.51 17.82
CA ASN A 347 23.70 21.06 17.93
C ASN A 347 24.42 20.35 16.79
N THR A 348 24.35 19.02 16.83
CA THR A 348 24.84 18.14 15.78
C THR A 348 24.07 18.39 14.49
N ILE A 349 24.67 18.00 13.36
CA ILE A 349 24.01 18.12 12.06
C ILE A 349 22.62 17.48 12.10
N ARG A 350 22.50 16.31 12.74
CA ARG A 350 21.22 15.62 12.72
C ARG A 350 20.20 16.38 13.56
N CYS A 351 20.63 16.91 14.71
CA CYS A 351 19.65 17.64 15.51
C CYS A 351 19.22 18.87 14.74
N LEU A 352 20.20 19.62 14.21
CA LEU A 352 19.89 20.76 13.37
C LEU A 352 18.91 20.35 12.28
N TYR A 353 19.22 19.28 11.54
CA TYR A 353 18.39 18.86 10.42
C TYR A 353 16.95 18.60 10.86
N ASN A 354 16.81 17.87 11.99
CA ASN A 354 15.53 17.38 12.48
C ASN A 354 14.69 18.58 12.90
N LYS A 355 15.34 19.49 13.64
CA LYS A 355 14.70 20.70 14.14
C LYS A 355 14.15 21.46 12.94
N TYR A 356 14.98 21.65 11.92
CA TYR A 356 14.56 22.37 10.73
C TYR A 356 13.28 21.75 10.13
N VAL A 357 13.21 20.42 10.11
CA VAL A 357 12.06 19.74 9.50
C VAL A 357 10.82 19.94 10.38
N SER A 358 11.03 19.88 11.70
CA SER A 358 10.01 20.14 12.71
C SER A 358 9.45 21.56 12.57
N ARG A 359 10.33 22.58 12.61
CA ARG A 359 9.94 23.98 12.60
C ARG A 359 8.98 24.27 11.45
N MET A 360 9.31 23.79 10.26
CA MET A 360 8.50 24.19 9.11
C MET A 360 7.19 23.43 9.07
N LYS A 361 7.05 22.40 9.92
CA LYS A 361 5.80 21.67 10.01
C LYS A 361 4.83 22.43 10.90
N GLU A 362 5.38 23.09 11.93
CA GLU A 362 4.60 23.88 12.88
C GLU A 362 4.42 25.30 12.36
N GLN A 363 5.47 26.11 12.48
CA GLN A 363 5.49 27.53 12.15
C GLN A 363 5.03 27.80 10.71
N TYR A 364 4.83 26.76 9.89
CA TYR A 364 4.54 26.99 8.48
C TYR A 364 3.67 25.91 7.84
N ASN A 365 3.56 24.73 8.48
CA ASN A 365 2.76 23.63 7.94
C ASN A 365 3.16 23.33 6.50
N ILE A 366 4.45 23.02 6.29
CA ILE A 366 5.00 22.94 4.94
C ILE A 366 5.24 21.50 4.49
N ASN A 367 5.87 20.67 5.33
CA ASN A 367 6.40 19.37 4.89
C ASN A 367 7.54 19.57 3.88
N ILE A 368 8.74 19.84 4.42
CA ILE A 368 9.88 20.35 3.68
C ILE A 368 10.46 19.25 2.78
N LYS A 369 10.01 18.00 2.99
CA LYS A 369 10.51 16.84 2.30
C LYS A 369 9.93 16.71 0.89
N GLU A 370 8.70 17.18 0.68
CA GLU A 370 7.94 16.87 -0.52
C GLU A 370 8.63 17.36 -1.79
N ASN A 371 9.27 18.53 -1.74
CA ASN A 371 9.84 19.11 -2.94
C ASN A 371 11.37 19.11 -2.90
N ASN A 372 11.95 18.48 -1.87
CA ASN A 372 13.38 18.27 -1.78
C ASN A 372 13.64 16.77 -1.86
N LYS A 373 14.02 16.32 -3.06
CA LYS A 373 13.97 14.93 -3.47
C LYS A 373 15.37 14.31 -3.47
N ARG A 374 15.45 13.10 -2.90
CA ARG A 374 16.67 12.32 -2.97
C ARG A 374 16.79 11.69 -4.35
N ILE A 375 17.99 11.72 -4.90
CA ILE A 375 18.25 11.13 -6.20
C ILE A 375 19.30 10.02 -6.05
N TYR A 376 19.12 8.94 -6.83
CA TYR A 376 20.16 7.96 -7.12
C TYR A 376 20.40 7.96 -8.62
N VAL A 377 21.47 7.26 -9.08
CA VAL A 377 21.89 7.37 -10.47
C VAL A 377 22.35 6.02 -10.99
N LEU A 378 21.68 5.53 -12.04
CA LEU A 378 21.93 4.20 -12.56
C LEU A 378 23.03 4.26 -13.61
N LYS A 379 22.97 5.28 -14.45
CA LYS A 379 23.94 5.45 -15.51
C LYS A 379 24.38 6.90 -15.54
N ASP A 380 23.58 7.75 -16.18
CA ASP A 380 24.00 9.12 -16.44
C ASP A 380 22.84 10.10 -16.20
N ARG A 381 21.68 9.58 -15.78
CA ARG A 381 20.52 10.43 -15.59
C ARG A 381 20.03 10.36 -14.15
N ILE A 382 19.19 11.33 -13.81
CA ILE A 382 18.56 11.50 -12.51
C ILE A 382 17.41 10.51 -12.39
N SER A 383 17.40 9.74 -11.29
CA SER A 383 16.21 9.00 -10.89
C SER A 383 15.78 9.56 -9.54
N TYR A 384 14.51 9.88 -9.38
CA TYR A 384 14.07 10.28 -8.06
C TYR A 384 13.86 9.03 -7.20
N LEU A 385 14.48 8.99 -6.03
CA LEU A 385 14.28 7.87 -5.14
C LEU A 385 12.79 7.58 -4.93
N LYS A 386 12.38 6.32 -5.04
CA LYS A 386 11.04 5.88 -4.68
C LYS A 386 9.97 6.34 -5.68
N GLU A 387 10.33 6.86 -6.86
CA GLU A 387 9.31 7.39 -7.76
C GLU A 387 8.94 6.42 -8.89
N LYS A 388 9.62 5.29 -8.99
CA LYS A 388 9.36 4.35 -10.05
C LYS A 388 10.00 3.03 -9.65
N THR A 389 9.31 1.92 -9.93
CA THR A 389 9.84 0.58 -9.81
C THR A 389 10.31 0.12 -11.18
N ASN A 390 11.64 0.10 -11.38
CA ASN A 390 12.17 -0.25 -12.68
C ASN A 390 12.26 -1.77 -12.79
N ILE A 391 12.02 -2.27 -14.00
CA ILE A 391 12.22 -3.68 -14.23
C ILE A 391 13.63 -3.90 -14.76
N VAL A 392 14.34 -4.84 -14.17
CA VAL A 392 15.65 -5.29 -14.61
C VAL A 392 15.49 -6.70 -15.15
N GLY A 393 15.65 -6.86 -16.48
CA GLY A 393 15.52 -8.19 -17.07
C GLY A 393 16.76 -9.08 -16.89
N ILE A 394 16.53 -10.35 -16.56
CA ILE A 394 17.61 -11.31 -16.35
C ILE A 394 17.97 -11.96 -17.68
N LEU A 395 19.26 -11.87 -18.05
CA LEU A 395 19.85 -12.66 -19.12
C LEU A 395 20.93 -13.58 -18.55
N ASN A 396 20.58 -14.86 -18.37
CA ASN A 396 21.57 -15.85 -18.01
C ASN A 396 22.12 -16.48 -19.29
N VAL A 397 23.30 -16.06 -19.74
CA VAL A 397 24.07 -16.81 -20.72
C VAL A 397 24.59 -18.08 -20.03
N ASN A 398 23.96 -19.22 -20.27
CA ASN A 398 24.49 -20.47 -19.72
C ASN A 398 24.55 -21.51 -20.82
N TYR A 399 25.48 -21.32 -21.76
CA TYR A 399 25.51 -22.06 -23.01
C TYR A 399 26.85 -22.79 -23.15
N VAL A 409 28.01 -21.24 -26.27
CA VAL A 409 27.84 -21.65 -27.70
C VAL A 409 27.32 -20.47 -28.51
N GLU A 410 26.09 -19.99 -28.23
CA GLU A 410 25.40 -19.13 -29.17
C GLU A 410 25.02 -17.77 -28.58
N PRO A 411 25.78 -16.69 -28.87
CA PRO A 411 25.43 -15.32 -28.46
C PRO A 411 24.32 -14.61 -29.23
N LYS A 412 24.08 -15.01 -30.48
CA LYS A 412 23.13 -14.31 -31.34
C LYS A 412 21.73 -14.46 -30.77
N ARG A 413 21.44 -15.64 -30.24
CA ARG A 413 20.18 -15.93 -29.58
C ARG A 413 20.07 -15.06 -28.32
N ALA A 414 21.18 -14.88 -27.61
CA ALA A 414 21.21 -14.07 -26.39
C ALA A 414 20.89 -12.60 -26.68
N VAL A 415 21.48 -12.04 -27.75
CA VAL A 415 21.21 -10.67 -28.15
C VAL A 415 19.78 -10.51 -28.64
N GLN A 416 19.18 -11.58 -29.18
CA GLN A 416 17.81 -11.36 -29.61
C GLN A 416 16.94 -11.23 -28.36
N ARG A 417 17.19 -12.14 -27.40
CA ARG A 417 16.55 -12.15 -26.11
C ARG A 417 16.72 -10.77 -25.47
N MET A 418 17.91 -10.18 -25.62
CA MET A 418 18.12 -8.87 -25.02
C MET A 418 17.10 -7.88 -25.57
N PHE A 419 17.00 -7.89 -26.91
CA PHE A 419 16.15 -7.02 -27.71
C PHE A 419 14.68 -7.31 -27.44
N GLU A 420 14.32 -8.59 -27.34
CA GLU A 420 13.00 -8.95 -26.88
C GLU A 420 12.70 -8.14 -25.62
N MET A 421 13.53 -8.29 -24.57
CA MET A 421 13.28 -7.82 -23.21
C MET A 421 13.09 -6.31 -23.18
N ILE A 422 13.82 -5.62 -24.06
CA ILE A 422 13.64 -4.18 -24.21
C ILE A 422 12.21 -3.93 -24.70
N ASN A 423 11.80 -4.64 -25.77
CA ASN A 423 10.48 -4.46 -26.33
C ASN A 423 9.44 -4.80 -25.27
N GLU A 424 9.76 -5.79 -24.44
CA GLU A 424 8.85 -6.25 -23.42
C GLU A 424 8.80 -5.22 -22.29
N GLY A 425 9.72 -4.24 -22.29
CA GLY A 425 9.60 -3.16 -21.32
C GLY A 425 10.70 -3.07 -20.24
N ALA A 426 11.72 -3.94 -20.27
CA ALA A 426 12.81 -3.80 -19.31
C ALA A 426 13.62 -2.52 -19.57
N SER A 427 13.96 -1.78 -18.52
CA SER A 427 14.79 -0.61 -18.69
C SER A 427 16.25 -0.86 -18.30
N VAL A 428 16.50 -2.02 -17.65
CA VAL A 428 17.84 -2.47 -17.29
C VAL A 428 17.90 -3.96 -17.68
N ILE A 429 18.99 -4.36 -18.35
CA ILE A 429 19.29 -5.77 -18.58
C ILE A 429 20.40 -6.21 -17.63
N ASP A 430 20.18 -7.25 -16.81
CA ASP A 430 21.24 -7.76 -15.94
C ASP A 430 21.77 -9.07 -16.54
N ILE A 431 23.02 -9.05 -17.01
CA ILE A 431 23.65 -10.16 -17.71
C ILE A 431 24.66 -10.86 -16.81
N GLY A 432 24.67 -12.20 -16.94
CA GLY A 432 25.48 -13.05 -16.11
C GLY A 432 25.86 -14.35 -16.82
N GLY A 433 27.03 -14.88 -16.43
CA GLY A 433 27.56 -16.13 -16.95
C GLY A 433 27.22 -17.30 -16.05
N ILE A 446 35.19 -23.28 -20.39
CA ILE A 446 34.44 -22.08 -20.88
C ILE A 446 34.42 -21.01 -19.78
N SER A 447 35.25 -19.97 -20.00
CA SER A 447 35.35 -18.78 -19.17
C SER A 447 33.97 -18.14 -18.96
N GLU A 448 33.74 -17.62 -17.74
CA GLU A 448 32.74 -16.58 -17.54
C GLU A 448 32.98 -15.47 -18.56
N ARG A 449 34.25 -15.12 -18.82
CA ARG A 449 34.50 -14.10 -19.84
C ARG A 449 33.98 -14.53 -21.20
N ASP A 450 34.11 -15.82 -21.53
CA ASP A 450 33.82 -16.28 -22.88
C ASP A 450 32.30 -16.30 -23.10
N LEU A 451 31.57 -16.70 -22.06
CA LEU A 451 30.11 -16.63 -22.06
C LEU A 451 29.62 -15.20 -22.25
N VAL A 452 30.25 -14.22 -21.59
CA VAL A 452 29.55 -12.96 -21.39
C VAL A 452 29.99 -11.87 -22.36
N VAL A 453 31.30 -11.73 -22.58
CA VAL A 453 31.80 -10.61 -23.36
C VAL A 453 31.29 -10.64 -24.80
N PRO A 454 31.39 -11.77 -25.55
CA PRO A 454 30.82 -11.85 -26.91
C PRO A 454 29.41 -11.28 -26.98
N VAL A 455 28.54 -11.76 -26.08
CA VAL A 455 27.15 -11.33 -26.00
C VAL A 455 27.06 -9.81 -25.86
N LEU A 456 27.88 -9.21 -25.00
CA LEU A 456 27.73 -7.79 -24.77
C LEU A 456 28.35 -7.05 -25.94
N GLN A 457 29.30 -7.71 -26.59
CA GLN A 457 29.98 -7.04 -27.70
C GLN A 457 29.08 -7.10 -28.94
N LEU A 458 28.46 -8.26 -29.14
CA LEU A 458 27.46 -8.38 -30.18
C LEU A 458 26.37 -7.33 -29.97
N PHE A 459 25.80 -7.32 -28.75
CA PHE A 459 24.68 -6.44 -28.44
C PHE A 459 25.03 -5.00 -28.76
N GLN A 460 26.24 -4.57 -28.36
CA GLN A 460 26.64 -3.19 -28.54
C GLN A 460 26.70 -2.84 -30.03
N LYS A 461 27.22 -3.78 -30.84
CA LYS A 461 27.26 -3.65 -32.30
C LYS A 461 25.84 -3.62 -32.88
N GLU A 462 24.99 -4.56 -32.46
CA GLU A 462 23.65 -4.69 -32.99
C GLU A 462 22.78 -3.51 -32.57
N TRP A 463 23.18 -2.77 -31.52
CA TRP A 463 22.38 -1.63 -31.08
C TRP A 463 22.78 -0.40 -31.87
N ASN A 464 24.05 -0.35 -32.29
CA ASN A 464 24.60 0.84 -32.94
C ASN A 464 24.18 0.86 -34.41
N ASP A 465 23.65 -0.29 -34.89
CA ASP A 465 23.06 -0.44 -36.21
C ASP A 465 21.84 0.47 -36.35
N ILE A 466 21.02 0.56 -35.29
CA ILE A 466 20.11 1.67 -35.09
C ILE A 466 20.95 2.95 -34.98
N LYS A 472 15.90 7.86 -31.87
CA LYS A 472 15.97 6.63 -31.01
C LYS A 472 17.36 6.53 -30.40
N CYS A 473 17.57 7.22 -29.27
CA CYS A 473 18.88 7.36 -28.64
C CYS A 473 18.81 7.08 -27.14
N ASP A 474 17.69 7.47 -26.49
CA ASP A 474 17.52 7.24 -25.07
C ASP A 474 16.43 6.19 -24.83
N ALA A 475 16.42 5.18 -25.72
CA ALA A 475 15.63 3.98 -25.57
C ALA A 475 16.55 2.80 -25.28
N LYS A 476 17.85 3.09 -25.09
CA LYS A 476 18.86 2.08 -24.83
C LYS A 476 18.78 1.64 -23.38
N PRO A 477 18.74 0.33 -23.09
CA PRO A 477 18.71 -0.13 -21.72
C PRO A 477 20.05 0.17 -21.06
N ILE A 478 19.96 0.36 -19.74
CA ILE A 478 21.10 0.30 -18.85
C ILE A 478 21.49 -1.16 -18.75
N ILE A 479 22.81 -1.42 -18.75
CA ILE A 479 23.35 -2.76 -18.75
C ILE A 479 24.09 -2.97 -17.43
N SER A 480 23.67 -4.01 -16.72
CA SER A 480 24.39 -4.43 -15.55
C SER A 480 24.96 -5.82 -15.78
N ILE A 481 26.19 -6.02 -15.31
CA ILE A 481 26.82 -7.33 -15.36
C ILE A 481 26.89 -7.93 -13.94
N ASP A 482 26.29 -9.12 -13.81
CA ASP A 482 26.23 -9.85 -12.56
C ASP A 482 27.53 -10.64 -12.43
N THR A 483 28.54 -10.04 -11.79
CA THR A 483 29.84 -10.66 -11.67
C THR A 483 30.51 -10.28 -10.36
N ILE A 484 31.39 -11.16 -9.84
CA ILE A 484 32.25 -10.82 -8.70
C ILE A 484 33.72 -10.77 -9.15
N ASN A 485 33.93 -10.86 -10.47
CA ASN A 485 35.22 -11.18 -11.07
C ASN A 485 35.77 -9.94 -11.76
N TYR A 486 36.76 -9.33 -11.11
CA TYR A 486 37.57 -8.21 -11.53
C TYR A 486 37.92 -8.32 -13.02
N ASN A 487 38.44 -9.48 -13.46
CA ASN A 487 38.93 -9.57 -14.83
C ASN A 487 37.78 -9.37 -15.80
N VAL A 488 36.62 -9.97 -15.49
CA VAL A 488 35.50 -9.85 -16.40
C VAL A 488 35.00 -8.42 -16.41
N PHE A 489 34.91 -7.79 -15.23
CA PHE A 489 34.36 -6.45 -15.18
C PHE A 489 35.35 -5.47 -15.78
N LYS A 490 36.64 -5.74 -15.63
CA LYS A 490 37.66 -4.89 -16.22
C LYS A 490 37.46 -4.79 -17.72
N GLU A 491 37.23 -5.94 -18.38
CA GLU A 491 37.17 -5.97 -19.82
C GLU A 491 35.90 -5.28 -20.34
N CYS A 492 34.77 -5.54 -19.66
CA CYS A 492 33.51 -4.92 -20.00
C CYS A 492 33.64 -3.40 -19.96
N VAL A 493 34.29 -2.93 -18.92
CA VAL A 493 34.31 -1.52 -18.64
C VAL A 493 35.29 -0.88 -19.64
N ASP A 494 36.36 -1.59 -19.99
CA ASP A 494 37.33 -1.03 -20.93
C ASP A 494 36.73 -0.88 -22.33
N ASN A 495 35.76 -1.73 -22.67
CA ASN A 495 35.21 -1.80 -24.01
C ASN A 495 33.79 -1.25 -24.01
N ASP A 496 33.55 -0.26 -23.11
CA ASP A 496 32.27 0.39 -22.85
C ASP A 496 31.11 -0.58 -23.10
N LEU A 497 31.03 -1.64 -22.30
CA LEU A 497 30.08 -2.70 -22.55
C LEU A 497 28.97 -2.72 -21.48
N VAL A 498 29.21 -2.06 -20.34
CA VAL A 498 28.28 -2.14 -19.21
C VAL A 498 28.19 -0.80 -18.51
N ASP A 499 27.12 -0.63 -17.71
CA ASP A 499 26.94 0.58 -16.92
C ASP A 499 27.08 0.29 -15.43
N ILE A 500 26.67 -0.92 -14.98
CA ILE A 500 26.52 -1.22 -13.57
C ILE A 500 27.20 -2.55 -13.24
N LEU A 501 27.91 -2.57 -12.09
CA LEU A 501 28.38 -3.81 -11.53
C LEU A 501 27.33 -4.33 -10.55
N ASN A 502 26.86 -5.55 -10.77
CA ASN A 502 25.98 -6.25 -9.82
C ASN A 502 26.86 -7.29 -9.13
N ASP A 503 27.41 -6.91 -7.96
CA ASP A 503 28.40 -7.72 -7.26
C ASP A 503 27.69 -8.42 -6.10
N ILE A 504 27.38 -9.69 -6.26
CA ILE A 504 26.59 -10.34 -5.23
C ILE A 504 27.40 -10.63 -3.97
N SER A 505 28.69 -10.26 -3.93
CA SER A 505 29.44 -10.43 -2.69
C SER A 505 29.58 -9.07 -1.99
N ALA A 506 28.94 -8.06 -2.58
CA ALA A 506 29.01 -6.69 -2.09
C ALA A 506 30.47 -6.21 -2.14
N CYS A 507 31.16 -6.63 -3.19
CA CYS A 507 32.54 -6.23 -3.43
C CYS A 507 33.47 -6.78 -2.32
N THR A 508 33.04 -7.81 -1.58
CA THR A 508 33.90 -8.35 -0.52
C THR A 508 34.82 -9.43 -1.09
N ASN A 509 34.44 -10.03 -2.23
CA ASN A 509 35.24 -11.08 -2.82
C ASN A 509 36.57 -10.52 -3.30
N ASN A 510 36.53 -9.47 -4.10
CA ASN A 510 37.73 -8.80 -4.54
C ASN A 510 37.46 -7.30 -4.56
N PRO A 511 37.66 -6.61 -3.43
CA PRO A 511 37.39 -5.17 -3.36
C PRO A 511 38.20 -4.31 -4.31
N GLU A 512 39.19 -4.91 -4.97
CA GLU A 512 39.96 -4.22 -5.99
C GLU A 512 39.01 -3.75 -7.10
N ILE A 513 37.93 -4.52 -7.30
CA ILE A 513 36.90 -4.17 -8.28
C ILE A 513 36.40 -2.74 -8.04
N ILE A 514 36.45 -2.26 -6.79
CA ILE A 514 36.05 -0.89 -6.47
C ILE A 514 36.89 0.13 -7.25
N LYS A 515 38.18 -0.12 -7.46
CA LYS A 515 38.95 0.73 -8.35
C LYS A 515 38.28 0.87 -9.72
N LEU A 516 37.59 -0.15 -10.20
CA LEU A 516 37.08 -0.12 -11.57
C LEU A 516 35.80 0.72 -11.72
N LEU A 517 35.22 1.14 -10.59
CA LEU A 517 34.01 1.92 -10.59
C LEU A 517 34.36 3.38 -10.89
N LYS A 518 35.64 3.76 -10.75
CA LYS A 518 36.07 5.12 -10.96
C LYS A 518 36.96 5.18 -12.20
N LYS A 519 36.62 6.05 -13.14
CA LYS A 519 37.57 6.46 -14.17
C LYS A 519 37.88 7.95 -14.00
N LYS A 520 38.44 8.57 -15.04
CA LYS A 520 38.93 9.95 -14.97
C LYS A 520 37.77 10.92 -15.06
N ASN A 521 36.67 10.48 -15.68
CA ASN A 521 35.54 11.33 -16.08
C ASN A 521 34.31 10.41 -16.19
N LYS A 522 34.28 9.42 -15.30
CA LYS A 522 33.27 8.38 -15.38
C LYS A 522 33.23 7.67 -14.04
N PHE A 523 32.02 7.57 -13.50
CA PHE A 523 31.75 6.78 -12.34
C PHE A 523 30.76 5.72 -12.78
N TYR A 524 30.89 4.51 -12.22
CA TYR A 524 29.93 3.45 -12.49
C TYR A 524 29.14 3.16 -11.22
N SER A 525 27.87 2.80 -11.36
CA SER A 525 27.01 2.42 -10.23
C SER A 525 27.19 0.93 -9.96
N VAL A 526 26.72 0.51 -8.76
CA VAL A 526 27.01 -0.80 -8.25
C VAL A 526 25.83 -1.21 -7.36
N VAL A 527 25.43 -2.50 -7.47
CA VAL A 527 24.49 -3.17 -6.59
C VAL A 527 25.30 -3.96 -5.56
N LEU A 528 25.07 -3.73 -4.26
CA LEU A 528 25.74 -4.48 -3.21
C LEU A 528 24.70 -5.42 -2.61
N MET A 529 24.92 -6.72 -2.69
CA MET A 529 23.92 -7.66 -2.21
C MET A 529 24.45 -8.40 -0.97
N HIS A 530 23.55 -8.79 -0.06
CA HIS A 530 23.95 -9.54 1.12
C HIS A 530 23.86 -11.03 0.82
N LYS A 531 24.89 -11.77 1.24
CA LYS A 531 24.82 -13.22 1.33
C LYS A 531 25.89 -13.72 2.31
N ARG A 532 25.85 -15.01 2.61
CA ARG A 532 26.88 -15.66 3.40
C ARG A 532 27.41 -16.84 2.62
N GLY A 533 28.70 -17.14 2.81
CA GLY A 533 29.33 -18.30 2.19
C GLY A 533 29.25 -18.29 0.67
N ASN A 534 29.07 -19.50 0.10
CA ASN A 534 28.95 -19.74 -1.32
C ASN A 534 27.79 -20.72 -1.53
N PRO A 535 27.43 -21.13 -2.76
CA PRO A 535 26.17 -21.84 -3.00
C PRO A 535 26.04 -23.19 -2.30
N HIS A 536 27.19 -23.85 -2.08
CA HIS A 536 27.23 -25.16 -1.43
C HIS A 536 27.11 -25.03 0.08
N THR A 537 27.60 -23.91 0.63
CA THR A 537 27.74 -23.73 2.07
C THR A 537 26.52 -23.02 2.67
N MET A 538 25.91 -22.12 1.89
CA MET A 538 25.13 -21.03 2.44
C MET A 538 23.76 -21.50 2.96
N ASP A 539 23.40 -22.76 2.75
CA ASP A 539 22.10 -23.21 3.22
C ASP A 539 22.17 -23.59 4.71
N LYS A 540 23.39 -23.56 5.27
CA LYS A 540 23.60 -23.91 6.67
C LYS A 540 24.22 -22.72 7.41
N LEU A 541 24.19 -21.54 6.78
CA LEU A 541 24.73 -20.33 7.39
C LEU A 541 23.58 -19.38 7.70
N THR A 542 22.56 -19.98 8.33
CA THR A 542 21.19 -19.48 8.29
C THR A 542 20.79 -18.90 9.63
N ASN A 543 21.79 -18.52 10.43
CA ASN A 543 21.50 -18.16 11.80
C ASN A 543 21.78 -16.68 11.99
N TYR A 544 20.78 -15.94 12.45
CA TYR A 544 20.91 -14.50 12.62
C TYR A 544 20.31 -14.13 13.97
N ASP A 545 20.91 -13.13 14.62
CA ASP A 545 20.39 -12.61 15.86
C ASP A 545 19.22 -11.67 15.62
N ASN A 546 19.31 -10.84 14.58
CA ASN A 546 18.29 -9.87 14.21
C ASN A 546 18.34 -9.73 12.70
N LEU A 547 17.85 -10.79 12.02
CA LEU A 547 17.86 -10.94 10.58
C LEU A 547 17.78 -9.60 9.87
N VAL A 548 16.72 -8.84 10.16
CA VAL A 548 16.39 -7.69 9.34
C VAL A 548 17.47 -6.63 9.50
N TYR A 549 17.94 -6.39 10.72
CA TYR A 549 18.86 -5.28 10.95
C TYR A 549 20.30 -5.76 10.76
N ASP A 550 20.55 -7.07 10.90
CA ASP A 550 21.89 -7.56 10.66
C ASP A 550 22.24 -7.28 9.20
N ILE A 551 21.32 -7.69 8.31
CA ILE A 551 21.46 -7.51 6.88
C ILE A 551 21.51 -6.04 6.53
N LYS A 552 20.64 -5.23 7.15
CA LYS A 552 20.65 -3.82 6.83
C LYS A 552 21.98 -3.20 7.27
N ASN A 553 22.48 -3.56 8.45
CA ASN A 553 23.73 -3.02 8.96
C ASN A 553 24.92 -3.42 8.06
N TYR A 554 24.89 -4.66 7.54
CA TYR A 554 25.94 -5.20 6.68
C TYR A 554 26.05 -4.34 5.42
N LEU A 555 24.89 -4.09 4.77
CA LEU A 555 24.85 -3.31 3.54
C LEU A 555 25.29 -1.88 3.82
N GLU A 556 24.82 -1.30 4.93
CA GLU A 556 25.26 0.03 5.35
C GLU A 556 26.78 0.05 5.55
N GLN A 557 27.35 -1.02 6.11
CA GLN A 557 28.79 -1.03 6.29
C GLN A 557 29.46 -1.17 4.92
N ARG A 558 28.93 -2.05 4.08
CA ARG A 558 29.54 -2.16 2.76
C ARG A 558 29.54 -0.79 2.10
N LEU A 559 28.41 -0.04 2.19
CA LEU A 559 28.33 1.28 1.58
C LEU A 559 29.36 2.22 2.20
N ASN A 560 29.50 2.21 3.52
CA ASN A 560 30.49 3.07 4.14
C ASN A 560 31.88 2.80 3.53
N PHE A 561 32.20 1.53 3.30
CA PHE A 561 33.49 1.17 2.75
C PHE A 561 33.66 1.76 1.34
N LEU A 562 32.67 1.57 0.45
CA LEU A 562 32.81 2.10 -0.90
C LEU A 562 32.86 3.64 -0.86
N VAL A 563 32.11 4.23 0.09
CA VAL A 563 32.01 5.69 0.12
C VAL A 563 33.33 6.28 0.65
N LEU A 564 33.88 5.64 1.70
CA LEU A 564 35.20 6.01 2.17
C LEU A 564 36.22 5.93 1.02
N ASN A 565 35.97 5.10 -0.01
CA ASN A 565 36.93 4.90 -1.10
C ASN A 565 36.53 5.64 -2.38
N GLY A 566 35.65 6.64 -2.24
CA GLY A 566 35.43 7.62 -3.30
C GLY A 566 34.31 7.28 -4.27
N ILE A 567 33.48 6.27 -3.97
CA ILE A 567 32.30 5.95 -4.77
C ILE A 567 31.17 6.84 -4.29
N PRO A 568 30.51 7.59 -5.21
CA PRO A 568 29.40 8.45 -4.81
C PRO A 568 28.28 7.66 -4.12
N ARG A 569 27.82 8.14 -2.95
CA ARG A 569 26.75 7.46 -2.24
C ARG A 569 25.51 7.19 -3.12
N TYR A 570 25.28 8.01 -4.14
CA TYR A 570 24.01 7.97 -4.87
C TYR A 570 24.08 6.98 -6.04
N ARG A 571 25.24 6.29 -6.18
CA ARG A 571 25.42 5.29 -7.20
C ARG A 571 25.40 3.87 -6.63
N ILE A 572 25.01 3.73 -5.36
CA ILE A 572 25.10 2.45 -4.69
C ILE A 572 23.72 1.94 -4.40
N LEU A 573 23.42 0.71 -4.82
CA LEU A 573 22.10 0.12 -4.59
C LEU A 573 22.23 -1.03 -3.62
N PHE A 574 21.23 -1.15 -2.75
CA PHE A 574 21.16 -2.14 -1.68
C PHE A 574 20.31 -3.31 -2.16
N ASP A 575 20.76 -4.53 -1.81
CA ASP A 575 20.00 -5.73 -2.13
C ASP A 575 20.18 -6.70 -0.97
N ILE A 576 19.05 -7.08 -0.36
CA ILE A 576 19.00 -7.96 0.79
C ILE A 576 19.35 -9.40 0.40
N GLY A 577 19.43 -9.71 -0.89
CA GLY A 577 19.80 -11.05 -1.32
C GLY A 577 18.80 -12.14 -0.92
N LEU A 578 17.58 -12.07 -1.45
CA LEU A 578 16.59 -13.08 -1.08
C LEU A 578 17.09 -14.46 -1.50
N GLY A 579 16.85 -15.47 -0.65
CA GLY A 579 17.25 -16.83 -0.99
C GLY A 579 18.74 -17.15 -0.84
N PHE A 580 19.57 -16.22 -0.35
CA PHE A 580 20.98 -16.54 -0.16
C PHE A 580 21.34 -16.53 1.32
N ALA A 581 21.57 -17.71 1.90
CA ALA A 581 21.84 -17.83 3.32
C ALA A 581 20.63 -17.31 4.09
N LYS A 582 19.45 -17.67 3.56
CA LYS A 582 18.17 -17.32 4.16
C LYS A 582 17.25 -18.52 3.98
N LYS A 583 16.67 -19.03 5.06
CA LYS A 583 15.52 -19.92 4.92
C LYS A 583 14.36 -19.17 4.25
N HIS A 584 13.46 -19.89 3.60
CA HIS A 584 12.25 -19.34 3.02
C HIS A 584 11.54 -18.35 3.95
N ASP A 585 11.32 -18.74 5.22
CA ASP A 585 10.61 -17.91 6.17
C ASP A 585 11.36 -16.59 6.31
N GLN A 586 12.70 -16.68 6.26
CA GLN A 586 13.57 -15.53 6.44
C GLN A 586 13.47 -14.62 5.22
N SER A 587 13.42 -15.22 4.03
CA SER A 587 13.18 -14.44 2.83
C SER A 587 11.84 -13.70 2.94
N ILE A 588 10.78 -14.38 3.41
CA ILE A 588 9.51 -13.68 3.49
C ILE A 588 9.63 -12.54 4.49
N LYS A 589 10.32 -12.82 5.60
CA LYS A 589 10.43 -11.90 6.71
C LYS A 589 11.18 -10.65 6.25
N LEU A 590 12.11 -10.81 5.30
CA LEU A 590 12.90 -9.68 4.85
C LEU A 590 12.01 -8.82 3.95
N LEU A 591 11.04 -9.46 3.30
CA LEU A 591 10.14 -8.74 2.41
C LEU A 591 9.06 -8.06 3.24
N GLN A 592 8.55 -8.74 4.26
CA GLN A 592 7.61 -8.07 5.15
C GLN A 592 8.18 -6.77 5.70
N ASN A 593 9.50 -6.72 5.94
CA ASN A 593 10.09 -5.54 6.58
C ASN A 593 10.93 -4.75 5.59
N ILE A 594 10.56 -4.78 4.31
CA ILE A 594 11.33 -4.04 3.31
C ILE A 594 11.31 -2.54 3.60
N HIS A 595 10.42 -2.06 4.47
CA HIS A 595 10.24 -0.63 4.71
C HIS A 595 11.53 0.00 5.23
N VAL A 596 12.34 -0.85 5.82
CA VAL A 596 13.61 -0.51 6.43
C VAL A 596 14.56 0.13 5.39
N TYR A 597 14.26 -0.06 4.10
CA TYR A 597 15.06 0.56 3.06
C TYR A 597 14.37 1.77 2.41
N ASP A 598 13.45 2.44 3.14
CA ASP A 598 12.72 3.59 2.60
C ASP A 598 13.66 4.75 2.33
N GLU A 599 14.82 4.79 2.98
CA GLU A 599 15.67 5.95 2.72
C GLU A 599 16.69 5.64 1.62
N TYR A 600 16.66 4.43 1.01
CA TYR A 600 17.78 4.05 0.18
C TYR A 600 17.35 3.45 -1.15
N PRO A 601 18.22 3.50 -2.20
CA PRO A 601 17.93 2.86 -3.48
C PRO A 601 17.93 1.35 -3.26
N LEU A 602 16.81 0.68 -3.57
CA LEU A 602 16.62 -0.73 -3.25
C LEU A 602 16.46 -1.56 -4.53
N PHE A 603 17.24 -2.65 -4.60
CA PHE A 603 17.23 -3.57 -5.71
C PHE A 603 16.85 -4.92 -5.11
N ILE A 604 15.85 -5.63 -5.65
CA ILE A 604 15.61 -6.97 -5.14
C ILE A 604 15.50 -7.95 -6.32
N GLY A 605 15.81 -9.20 -6.03
CA GLY A 605 15.57 -10.27 -6.99
C GLY A 605 14.89 -11.45 -6.32
N TYR A 606 13.61 -11.62 -6.62
CA TYR A 606 12.81 -12.67 -5.99
C TYR A 606 12.51 -13.72 -7.04
N SER A 607 12.80 -13.36 -8.30
CA SER A 607 12.14 -14.03 -9.41
C SER A 607 12.48 -15.52 -9.44
N ARG A 608 11.47 -16.35 -9.20
CA ARG A 608 11.49 -17.77 -9.49
C ARG A 608 12.25 -18.49 -8.38
N LYS A 609 12.60 -17.75 -7.32
CA LYS A 609 13.29 -18.37 -6.20
C LYS A 609 12.31 -19.32 -5.50
N ARG A 610 12.85 -20.25 -4.73
CA ARG A 610 12.09 -21.37 -4.20
C ARG A 610 11.15 -20.95 -3.08
N PHE A 611 11.43 -19.83 -2.41
CA PHE A 611 10.61 -19.45 -1.28
C PHE A 611 9.18 -19.19 -1.74
N ILE A 612 9.01 -18.71 -2.97
CA ILE A 612 7.68 -18.31 -3.43
C ILE A 612 6.74 -19.51 -3.39
N ALA A 613 7.26 -20.68 -3.79
CA ALA A 613 6.46 -21.89 -3.94
C ALA A 613 6.09 -22.39 -2.55
N HIS A 614 7.05 -22.24 -1.63
CA HIS A 614 6.89 -22.63 -0.24
C HIS A 614 5.79 -21.81 0.42
N CYS A 615 5.29 -20.78 -0.28
CA CYS A 615 4.35 -19.83 0.29
C CYS A 615 2.91 -20.07 -0.18
N MET A 616 2.71 -20.95 -1.17
CA MET A 616 1.35 -21.24 -1.62
C MET A 616 1.02 -22.73 -1.47
N ASN A 617 -0.28 -23.00 -1.32
CA ASN A 617 -0.81 -24.35 -1.23
C ASN A 617 -0.80 -25.00 -2.63
N ASP A 659 3.79 -31.50 -16.02
CA ASP A 659 3.54 -30.93 -14.67
C ASP A 659 4.38 -29.67 -14.46
N GLN A 660 4.08 -28.65 -15.27
CA GLN A 660 4.72 -27.35 -15.17
C GLN A 660 3.92 -26.45 -14.22
N LEU A 661 3.10 -27.07 -13.36
CA LEU A 661 2.34 -26.35 -12.36
C LEU A 661 3.26 -25.47 -11.52
N LEU A 662 4.30 -26.07 -10.93
CA LEU A 662 5.23 -25.38 -10.06
C LEU A 662 5.80 -24.18 -10.81
N TYR A 663 6.27 -24.42 -12.04
CA TYR A 663 6.74 -23.36 -12.90
C TYR A 663 5.75 -22.19 -12.88
N GLN A 664 4.49 -22.44 -13.29
CA GLN A 664 3.52 -21.36 -13.48
C GLN A 664 3.22 -20.64 -12.17
N LYS A 665 2.79 -21.42 -11.16
CA LYS A 665 2.42 -20.86 -9.87
C LYS A 665 3.54 -19.98 -9.33
N ASN A 666 4.77 -20.32 -9.74
CA ASN A 666 5.95 -19.63 -9.26
C ASN A 666 5.99 -18.25 -9.91
N ILE A 667 5.82 -18.22 -11.23
CA ILE A 667 5.77 -16.98 -11.99
C ILE A 667 4.62 -16.13 -11.47
N CYS A 668 3.49 -16.78 -11.19
CA CYS A 668 2.32 -16.07 -10.72
C CYS A 668 2.63 -15.41 -9.39
N GLY A 669 3.29 -16.13 -8.50
CA GLY A 669 3.66 -15.61 -7.18
C GLY A 669 4.63 -14.42 -7.27
N GLY A 670 5.57 -14.49 -8.22
CA GLY A 670 6.45 -13.38 -8.50
C GLY A 670 5.68 -12.08 -8.74
N LEU A 671 4.58 -12.20 -9.51
CA LEU A 671 3.79 -11.04 -9.88
C LEU A 671 3.11 -10.47 -8.63
N ALA A 672 2.77 -11.33 -7.66
CA ALA A 672 2.34 -10.75 -6.41
C ALA A 672 3.46 -9.89 -5.82
N ILE A 673 4.71 -10.37 -5.91
CA ILE A 673 5.76 -9.65 -5.22
C ILE A 673 6.09 -8.39 -6.01
N ALA A 674 5.95 -8.44 -7.35
CA ALA A 674 5.95 -7.24 -8.18
C ALA A 674 4.95 -6.18 -7.65
N SER A 675 3.75 -6.62 -7.25
CA SER A 675 2.72 -5.69 -6.80
C SER A 675 3.15 -5.10 -5.46
N TYR A 676 3.56 -5.99 -4.54
CA TYR A 676 4.03 -5.57 -3.22
C TYR A 676 5.17 -4.55 -3.40
N SER A 677 6.13 -4.93 -4.25
CA SER A 677 7.25 -4.08 -4.59
C SER A 677 6.75 -2.73 -5.09
N TYR A 678 5.71 -2.77 -5.94
CA TYR A 678 5.14 -1.52 -6.44
C TYR A 678 4.66 -0.65 -5.27
N TYR A 679 3.93 -1.23 -4.32
CA TYR A 679 3.34 -0.41 -3.27
C TYR A 679 4.40 0.01 -2.25
N LYS A 680 5.51 -0.74 -2.16
CA LYS A 680 6.55 -0.39 -1.22
C LYS A 680 7.57 0.52 -1.91
N LYS A 681 7.38 0.72 -3.22
CA LYS A 681 8.17 1.70 -3.96
C LYS A 681 9.62 1.24 -4.10
N VAL A 682 9.84 -0.07 -4.22
CA VAL A 682 11.14 -0.65 -4.50
C VAL A 682 11.69 -0.07 -5.80
N ASP A 683 12.94 0.39 -5.78
CA ASP A 683 13.49 1.02 -6.97
C ASP A 683 13.66 0.04 -8.13
N LEU A 684 14.20 -1.16 -7.90
CA LEU A 684 14.53 -2.07 -8.99
C LEU A 684 14.13 -3.49 -8.60
N ILE A 685 13.37 -4.19 -9.45
CA ILE A 685 13.08 -5.60 -9.24
C ILE A 685 13.71 -6.42 -10.37
N ARG A 686 14.45 -7.47 -9.99
CA ARG A 686 15.22 -8.26 -10.94
C ARG A 686 14.40 -9.49 -11.35
N VAL A 687 13.98 -9.60 -12.63
CA VAL A 687 12.95 -10.56 -13.00
C VAL A 687 13.29 -11.28 -14.30
N HIS A 688 12.83 -12.55 -14.39
CA HIS A 688 12.83 -13.34 -15.62
C HIS A 688 11.69 -12.95 -16.56
N ASP A 689 10.47 -12.84 -16.02
CA ASP A 689 9.24 -12.61 -16.77
C ASP A 689 8.94 -11.12 -16.96
N VAL A 690 9.58 -10.49 -17.96
CA VAL A 690 9.51 -9.05 -18.18
C VAL A 690 8.09 -8.63 -18.58
N LEU A 691 7.56 -9.21 -19.67
CA LEU A 691 6.27 -8.77 -20.17
C LEU A 691 5.19 -8.89 -19.09
N GLU A 692 5.15 -10.02 -18.36
CA GLU A 692 4.12 -10.18 -17.35
C GLU A 692 4.28 -9.15 -16.24
N THR A 693 5.55 -8.93 -15.82
CA THR A 693 5.85 -7.95 -14.76
C THR A 693 5.43 -6.56 -15.23
N LYS A 694 5.74 -6.22 -16.49
CA LYS A 694 5.46 -4.90 -17.02
C LYS A 694 3.95 -4.66 -17.10
N SER A 695 3.22 -5.70 -17.46
CA SER A 695 1.79 -5.55 -17.57
C SER A 695 1.22 -5.21 -16.19
N VAL A 696 1.79 -5.83 -15.16
CA VAL A 696 1.25 -5.66 -13.82
C VAL A 696 1.50 -4.23 -13.36
N LEU A 697 2.73 -3.74 -13.55
CA LEU A 697 3.13 -2.43 -13.04
C LEU A 697 2.41 -1.33 -13.84
N ASP A 698 2.18 -1.58 -15.14
CA ASP A 698 1.42 -0.65 -15.98
C ASP A 698 0.03 -0.45 -15.41
N VAL A 699 -0.68 -1.53 -15.11
CA VAL A 699 -2.01 -1.40 -14.56
C VAL A 699 -1.94 -0.72 -13.19
N LEU A 700 -0.99 -1.08 -12.32
CA LEU A 700 -0.96 -0.51 -10.98
C LEU A 700 -0.72 0.99 -11.05
N THR A 701 0.17 1.37 -11.96
CA THR A 701 0.50 2.76 -12.21
C THR A 701 -0.76 3.53 -12.64
N LYS A 702 -1.54 2.95 -13.56
CA LYS A 702 -2.73 3.63 -14.06
C LYS A 702 -3.72 3.84 -12.94
N ILE A 703 -3.94 2.79 -12.14
CA ILE A 703 -4.84 2.93 -11.02
C ILE A 703 -4.44 4.12 -10.16
N ASP A 704 -3.14 4.35 -9.95
CA ASP A 704 -2.70 5.46 -9.12
C ASP A 704 -2.80 6.82 -9.83
N GLN A 705 -3.06 6.83 -11.13
CA GLN A 705 -2.94 8.05 -11.91
C GLN A 705 -4.32 8.72 -11.98
N VAL A 706 -4.57 9.61 -11.02
CA VAL A 706 -5.80 10.40 -10.87
C VAL A 706 -5.84 11.50 -11.93
N LYS A 707 -6.89 11.49 -12.76
CA LYS A 707 -7.16 12.52 -13.75
C LYS A 707 -8.15 13.54 -13.18
N ASP A 708 -7.65 14.73 -12.83
CA ASP A 708 -8.45 15.79 -12.23
C ASP A 708 -8.05 17.14 -12.84
N LYS B 14 -55.23 -2.73 14.25
CA LYS B 14 -54.12 -1.74 14.17
C LYS B 14 -52.91 -2.35 13.46
N THR B 15 -51.92 -1.50 13.15
CA THR B 15 -50.59 -1.90 12.71
C THR B 15 -49.56 -0.99 13.38
N ASN B 16 -48.62 -1.60 14.12
CA ASN B 16 -47.60 -0.85 14.84
C ASN B 16 -46.22 -1.12 14.23
N ILE B 17 -45.26 -0.25 14.57
CA ILE B 17 -43.88 -0.41 14.20
C ILE B 17 -43.12 -1.04 15.37
N ALA B 18 -42.54 -2.22 15.14
CA ALA B 18 -41.88 -3.00 16.19
C ALA B 18 -40.40 -3.22 15.88
N VAL B 19 -39.54 -2.62 16.70
CA VAL B 19 -38.09 -2.77 16.62
C VAL B 19 -37.65 -3.83 17.64
N LEU B 20 -37.29 -5.02 17.14
CA LEU B 20 -36.75 -6.08 17.96
C LEU B 20 -35.22 -6.05 17.96
N ASN B 21 -34.59 -6.86 18.84
CA ASN B 21 -33.16 -7.12 18.84
C ASN B 21 -32.96 -8.63 19.01
N LEU B 22 -32.24 -9.25 18.08
CA LEU B 22 -32.04 -10.70 18.08
C LEU B 22 -30.64 -11.05 18.54
N GLY B 23 -30.43 -12.32 18.91
CA GLY B 23 -29.24 -12.76 19.62
C GLY B 23 -28.99 -14.26 19.48
N THR B 24 -27.75 -14.67 19.81
CA THR B 24 -27.31 -16.05 19.83
C THR B 24 -25.85 -16.10 20.29
N ASN B 25 -25.30 -17.33 20.37
CA ASN B 25 -23.97 -17.58 20.89
C ASN B 25 -23.24 -18.61 20.03
N ASP B 26 -24.02 -19.48 19.37
CA ASP B 26 -23.50 -20.60 18.61
C ASP B 26 -23.00 -20.12 17.25
N ARG B 27 -21.69 -19.86 17.15
CA ARG B 27 -21.04 -19.38 15.94
C ARG B 27 -21.36 -20.28 14.75
N ARG B 28 -21.21 -21.60 14.93
CA ARG B 28 -21.35 -22.53 13.83
C ARG B 28 -22.73 -22.38 13.18
N ASN B 29 -23.69 -21.88 13.96
CA ASN B 29 -25.10 -21.95 13.57
C ASN B 29 -25.81 -20.61 13.75
N ALA B 30 -25.05 -19.53 14.04
CA ALA B 30 -25.62 -18.20 14.27
C ALA B 30 -26.55 -17.82 13.13
N VAL B 31 -26.24 -18.33 11.93
CA VAL B 31 -27.07 -18.22 10.75
C VAL B 31 -28.35 -19.00 11.00
N LEU B 32 -28.23 -20.34 11.04
CA LEU B 32 -29.36 -21.24 11.18
C LEU B 32 -30.34 -20.74 12.25
N ILE B 33 -29.80 -20.33 13.40
CA ILE B 33 -30.60 -19.84 14.51
C ILE B 33 -31.26 -18.54 14.10
N LEU B 34 -30.44 -17.48 13.91
CA LEU B 34 -30.90 -16.11 13.81
C LEU B 34 -31.85 -15.94 12.63
N GLU B 35 -31.66 -16.75 11.58
CA GLU B 35 -32.54 -16.69 10.42
C GLU B 35 -33.91 -17.27 10.75
N THR B 36 -33.94 -18.29 11.62
CA THR B 36 -35.19 -18.94 11.99
C THR B 36 -36.02 -17.99 12.86
N ALA B 37 -35.34 -17.31 13.77
CA ALA B 37 -35.93 -16.25 14.58
C ALA B 37 -36.63 -15.23 13.68
N LEU B 38 -36.15 -15.12 12.43
CA LEU B 38 -36.64 -14.14 11.47
C LEU B 38 -37.89 -14.66 10.76
N HIS B 39 -37.90 -15.95 10.39
CA HIS B 39 -39.05 -16.55 9.72
C HIS B 39 -40.26 -16.45 10.64
N LEU B 40 -40.00 -16.70 11.93
CA LEU B 40 -41.02 -16.66 12.96
C LEU B 40 -41.54 -15.23 13.05
N VAL B 41 -40.61 -14.28 13.14
CA VAL B 41 -41.01 -12.88 13.26
C VAL B 41 -41.82 -12.48 12.02
N GLU B 42 -41.53 -13.07 10.85
CA GLU B 42 -42.31 -12.78 9.65
C GLU B 42 -43.71 -13.37 9.79
N LYS B 43 -43.78 -14.59 10.36
CA LYS B 43 -44.99 -15.36 10.53
C LYS B 43 -45.89 -14.77 11.63
N TYR B 44 -45.33 -14.53 12.82
CA TYR B 44 -46.15 -14.39 14.02
C TYR B 44 -46.35 -12.95 14.48
N LEU B 45 -45.63 -11.98 13.90
CA LEU B 45 -45.82 -10.62 14.40
C LEU B 45 -46.21 -9.62 13.31
N GLY B 46 -45.92 -9.95 12.05
CA GLY B 46 -46.26 -9.10 10.90
C GLY B 46 -45.33 -9.30 9.70
N LYS B 47 -44.67 -8.21 9.29
CA LYS B 47 -43.77 -8.21 8.14
C LYS B 47 -42.48 -7.47 8.49
N ILE B 48 -41.33 -8.12 8.20
CA ILE B 48 -40.02 -7.50 8.36
C ILE B 48 -39.80 -6.53 7.21
N ILE B 49 -39.52 -5.27 7.59
CA ILE B 49 -39.42 -4.15 6.68
C ILE B 49 -38.07 -3.46 6.85
N ASN B 50 -37.24 -3.99 7.77
CA ASN B 50 -35.85 -3.57 7.92
C ASN B 50 -35.12 -4.60 8.78
N THR B 51 -33.87 -4.90 8.39
CA THR B 51 -32.89 -5.61 9.20
C THR B 51 -31.58 -4.82 9.17
N SER B 52 -30.62 -5.21 10.01
CA SER B 52 -29.30 -4.61 10.00
C SER B 52 -28.25 -5.64 9.54
N TYR B 53 -26.97 -5.26 9.59
CA TYR B 53 -25.94 -6.26 9.39
C TYR B 53 -25.92 -7.22 10.57
N LEU B 54 -25.52 -8.47 10.28
CA LEU B 54 -25.11 -9.42 11.29
C LEU B 54 -23.83 -8.91 11.95
N TYR B 55 -23.69 -9.15 13.26
CA TYR B 55 -22.51 -8.66 13.95
C TYR B 55 -21.99 -9.69 14.95
N GLU B 56 -20.65 -9.72 15.09
CA GLU B 56 -19.98 -10.49 16.12
C GLU B 56 -19.45 -9.50 17.15
N THR B 57 -19.86 -9.71 18.41
CA THR B 57 -19.72 -8.68 19.41
C THR B 57 -19.15 -9.23 20.72
N VAL B 58 -18.58 -8.28 21.48
CA VAL B 58 -17.97 -8.51 22.77
C VAL B 58 -18.78 -7.73 23.81
N PRO B 59 -19.26 -8.38 24.90
CA PRO B 59 -20.05 -7.70 25.92
C PRO B 59 -19.32 -6.54 26.63
N TYR B 84 -31.66 -31.15 13.82
CA TYR B 84 -32.93 -31.36 14.56
C TYR B 84 -33.93 -30.27 14.18
N ILE B 85 -33.43 -29.03 14.12
CA ILE B 85 -34.25 -27.83 13.98
C ILE B 85 -34.79 -27.78 12.55
N ASN B 86 -34.27 -28.66 11.70
CA ASN B 86 -34.73 -28.83 10.32
C ASN B 86 -36.19 -29.30 10.32
N GLU B 87 -36.42 -30.47 10.92
CA GLU B 87 -37.70 -31.17 10.85
C GLU B 87 -38.82 -30.30 11.43
N LEU B 88 -38.49 -29.61 12.53
CA LEU B 88 -39.41 -28.75 13.28
C LEU B 88 -40.26 -27.89 12.33
N MET B 89 -39.68 -27.50 11.20
CA MET B 89 -40.23 -26.47 10.33
C MET B 89 -41.49 -26.96 9.60
N GLN B 90 -41.52 -28.25 9.27
CA GLN B 90 -42.56 -28.83 8.41
C GLN B 90 -43.82 -29.12 9.23
N ASN B 91 -43.94 -28.49 10.40
CA ASN B 91 -45.08 -28.64 11.29
C ASN B 91 -44.98 -27.61 12.41
N LEU B 92 -45.78 -26.54 12.30
CA LEU B 92 -45.93 -25.56 13.37
C LEU B 92 -47.27 -24.85 13.25
N GLU B 93 -47.75 -24.34 14.40
CA GLU B 93 -49.05 -23.69 14.48
C GLU B 93 -49.07 -22.45 13.60
N GLU B 94 -50.12 -22.34 12.77
CA GLU B 94 -50.23 -21.29 11.76
C GLU B 94 -50.74 -19.99 12.40
N SER B 95 -50.39 -18.86 11.78
CA SER B 95 -50.74 -17.55 12.32
C SER B 95 -52.17 -17.22 11.96
N LYS B 96 -52.77 -16.33 12.77
CA LYS B 96 -54.15 -15.92 12.59
C LYS B 96 -54.26 -14.93 11.44
N TYR B 97 -53.20 -14.88 10.61
CA TYR B 97 -53.10 -14.01 9.45
C TYR B 97 -52.37 -14.74 8.33
N GLU B 98 -52.54 -14.26 7.08
CA GLU B 98 -51.79 -14.70 5.91
C GLU B 98 -50.58 -13.79 5.70
N GLU B 99 -49.61 -14.26 4.91
CA GLU B 99 -48.44 -13.46 4.58
C GLU B 99 -48.54 -12.93 3.16
N ASN B 100 -48.03 -11.70 2.98
CA ASN B 100 -47.95 -11.00 1.72
C ASN B 100 -46.51 -11.07 1.20
N LYS B 101 -46.21 -12.13 0.45
CA LYS B 101 -44.90 -12.34 -0.15
C LYS B 101 -44.54 -11.18 -1.08
N GLU B 102 -45.58 -10.48 -1.58
CA GLU B 102 -45.52 -9.56 -2.70
C GLU B 102 -45.04 -8.17 -2.26
N LEU B 103 -44.43 -7.45 -3.21
CA LEU B 103 -43.49 -6.36 -2.96
C LEU B 103 -44.22 -5.10 -2.52
N ILE B 104 -43.44 -4.13 -2.02
CA ILE B 104 -43.91 -2.82 -1.59
C ILE B 104 -42.79 -1.82 -1.84
N ASP B 105 -43.12 -0.53 -2.02
CA ASP B 105 -42.09 0.47 -2.30
C ASP B 105 -42.12 1.56 -1.24
N LYS B 106 -43.14 1.51 -0.37
CA LYS B 106 -43.32 2.51 0.67
C LYS B 106 -43.98 1.84 1.88
N CYS B 107 -43.74 2.42 3.06
CA CYS B 107 -44.51 2.04 4.24
C CYS B 107 -44.75 3.26 5.12
N GLU B 108 -46.01 3.72 5.07
CA GLU B 108 -46.46 4.97 5.66
C GLU B 108 -46.37 4.89 7.19
N GLU B 109 -46.65 3.69 7.73
CA GLU B 109 -46.62 3.44 9.15
C GLU B 109 -45.18 3.59 9.66
N TYR B 110 -44.26 2.89 8.97
CA TYR B 110 -42.82 3.01 9.17
C TYR B 110 -42.42 4.48 9.08
N GLU B 111 -42.99 5.21 8.10
CA GLU B 111 -42.59 6.59 7.84
C GLU B 111 -43.07 7.51 8.96
N THR B 112 -44.33 7.34 9.36
CA THR B 112 -44.87 7.99 10.55
C THR B 112 -43.88 7.77 11.70
N PHE B 113 -43.60 6.49 12.00
CA PHE B 113 -42.69 6.06 13.05
C PHE B 113 -41.39 6.86 13.09
N LEU B 114 -40.85 7.23 11.91
CA LEU B 114 -39.52 7.81 11.85
C LEU B 114 -39.52 9.28 12.30
N LYS B 115 -40.70 9.94 12.22
CA LYS B 115 -40.83 11.39 12.18
C LYS B 115 -40.90 12.06 13.56
N ASN B 116 -41.67 11.55 14.53
CA ASN B 116 -42.68 10.50 14.41
C ASN B 116 -43.94 10.93 15.18
N GLY B 117 -44.67 9.92 15.65
CA GLY B 117 -45.54 10.07 16.80
C GLY B 117 -47.00 10.40 16.46
N LYS B 118 -47.35 10.39 15.17
CA LYS B 118 -48.75 10.60 14.81
C LYS B 118 -49.46 9.25 14.75
N VAL B 119 -49.50 8.58 15.92
CA VAL B 119 -50.09 7.26 16.07
C VAL B 119 -51.05 7.31 17.25
N ASP B 120 -52.07 6.44 17.22
CA ASP B 120 -53.06 6.35 18.29
C ASP B 120 -52.37 6.01 19.61
N ASN B 121 -52.95 6.53 20.70
CA ASN B 121 -52.43 6.40 22.06
C ASN B 121 -52.26 4.93 22.44
N SER B 122 -51.27 4.67 23.31
CA SER B 122 -50.96 3.32 23.74
C SER B 122 -52.13 2.74 24.55
N ILE B 123 -52.23 1.42 24.51
CA ILE B 123 -53.24 0.67 25.26
C ILE B 123 -52.63 0.22 26.59
N LEU B 124 -51.64 0.98 27.08
CA LEU B 124 -50.95 0.69 28.33
C LEU B 124 -50.40 1.97 28.95
N LYS B 125 -50.14 1.91 30.26
CA LYS B 125 -49.83 3.07 31.06
C LYS B 125 -48.52 3.72 30.61
N GLU B 126 -48.63 5.02 30.27
CA GLU B 126 -47.51 5.84 29.81
C GLU B 126 -46.77 6.42 31.02
N VAL B 127 -45.60 7.01 30.76
CA VAL B 127 -44.64 7.38 31.79
C VAL B 127 -43.88 8.62 31.30
N ASN B 128 -43.44 9.47 32.24
CA ASN B 128 -42.82 10.74 31.89
C ASN B 128 -41.30 10.58 31.75
N VAL B 129 -40.64 11.70 31.43
CA VAL B 129 -39.21 11.81 31.16
C VAL B 129 -38.41 11.40 32.40
N GLU B 130 -38.69 12.08 33.53
CA GLU B 130 -38.09 11.81 34.82
C GLU B 130 -38.53 10.44 35.34
N ASN B 131 -39.82 10.13 35.15
CA ASN B 131 -40.43 8.86 35.52
C ASN B 131 -39.61 7.69 35.00
N TYR B 132 -39.12 7.83 33.77
CA TYR B 132 -38.43 6.76 33.06
C TYR B 132 -36.94 6.75 33.40
N LEU B 133 -36.36 7.96 33.48
CA LEU B 133 -34.94 8.19 33.71
C LEU B 133 -34.50 7.60 35.06
N LEU B 134 -35.35 7.75 36.08
CA LEU B 134 -35.03 7.31 37.43
C LEU B 134 -35.24 5.81 37.56
N GLU B 135 -36.25 5.28 36.87
CA GLU B 135 -36.59 3.87 36.96
C GLU B 135 -35.59 2.99 36.19
N CYS B 136 -35.05 3.53 35.08
CA CYS B 136 -34.10 2.83 34.22
C CYS B 136 -32.83 2.49 35.02
N ASN B 137 -32.37 3.46 35.81
CA ASN B 137 -31.14 3.38 36.58
C ASN B 137 -31.19 2.19 37.55
N ASN B 138 -32.31 2.03 38.25
CA ASN B 138 -32.49 1.01 39.27
C ASN B 138 -32.33 -0.39 38.64
N ILE B 139 -32.90 -0.57 37.44
CA ILE B 139 -32.90 -1.86 36.76
C ILE B 139 -31.47 -2.23 36.36
N ILE B 140 -30.65 -1.19 36.14
CA ILE B 140 -29.28 -1.38 35.68
C ILE B 140 -28.42 -1.94 36.82
N VAL B 141 -28.59 -1.39 38.03
CA VAL B 141 -27.71 -1.73 39.14
C VAL B 141 -28.10 -3.07 39.78
N LYS B 142 -29.38 -3.44 39.67
CA LYS B 142 -29.85 -4.76 40.08
C LYS B 142 -29.06 -5.85 39.35
N ASN B 143 -28.74 -5.57 38.08
CA ASN B 143 -28.16 -6.55 37.17
C ASN B 143 -26.64 -6.41 37.14
N ASP B 144 -26.12 -5.42 37.89
CA ASP B 144 -24.69 -5.18 38.00
C ASP B 144 -24.01 -6.27 38.83
N GLU B 145 -24.65 -6.63 39.97
CA GLU B 145 -24.17 -7.64 40.88
C GLU B 145 -22.78 -7.28 41.41
N SER B 161 -16.95 -15.90 25.65
CA SER B 161 -18.01 -16.24 24.66
C SER B 161 -18.30 -15.04 23.76
N TYR B 162 -18.95 -15.30 22.61
CA TYR B 162 -19.23 -14.29 21.61
C TYR B 162 -20.72 -13.98 21.54
N PHE B 163 -21.06 -12.73 21.23
CA PHE B 163 -22.45 -12.30 21.06
C PHE B 163 -22.72 -11.90 19.60
N TYR B 164 -23.92 -12.23 19.10
CA TYR B 164 -24.33 -12.01 17.71
C TYR B 164 -25.66 -11.27 17.63
N ASN B 165 -25.57 -9.97 17.29
CA ASN B 165 -26.66 -9.00 17.37
C ASN B 165 -27.22 -8.73 15.97
N LEU B 166 -28.54 -8.51 15.90
CA LEU B 166 -29.27 -8.39 14.65
C LEU B 166 -30.63 -7.73 14.89
N THR B 167 -30.66 -6.39 14.88
CA THR B 167 -31.92 -5.64 14.95
C THR B 167 -32.84 -5.99 13.78
N VAL B 168 -34.07 -5.46 13.84
CA VAL B 168 -35.17 -5.74 12.92
C VAL B 168 -36.25 -4.67 13.12
N VAL B 169 -36.93 -4.27 12.04
CA VAL B 169 -38.13 -3.47 12.16
C VAL B 169 -39.30 -4.32 11.68
N VAL B 170 -40.43 -4.25 12.40
CA VAL B 170 -41.57 -5.11 12.09
C VAL B 170 -42.84 -4.27 11.97
N LYS B 171 -43.55 -4.47 10.85
CA LYS B 171 -44.93 -4.05 10.67
C LYS B 171 -45.78 -5.09 11.37
N THR B 172 -46.37 -4.70 12.51
CA THR B 172 -46.99 -5.67 13.40
C THR B 172 -48.49 -5.40 13.56
N PHE B 173 -49.26 -6.49 13.47
CA PHE B 173 -50.69 -6.46 13.71
C PHE B 173 -50.96 -6.44 15.21
N VAL B 174 -50.01 -7.00 15.98
CA VAL B 174 -50.15 -7.13 17.42
C VAL B 174 -50.36 -5.75 18.03
N ASN B 175 -51.09 -5.73 19.16
CA ASN B 175 -51.80 -4.56 19.62
C ASN B 175 -50.92 -3.70 20.53
N ASP B 176 -49.94 -4.35 21.19
CA ASP B 176 -49.17 -3.67 22.22
C ASP B 176 -47.92 -4.46 22.60
N PRO B 177 -46.90 -3.78 23.17
CA PRO B 177 -45.69 -4.44 23.66
C PRO B 177 -45.87 -5.73 24.46
N LEU B 178 -46.61 -5.64 25.58
CA LEU B 178 -46.86 -6.76 26.45
C LEU B 178 -47.32 -7.96 25.63
N SER B 179 -48.38 -7.74 24.84
CA SER B 179 -48.90 -8.78 23.96
C SER B 179 -47.80 -9.27 23.03
N MET B 180 -46.97 -8.35 22.54
CA MET B 180 -45.81 -8.65 21.70
C MET B 180 -44.84 -9.56 22.46
N LEU B 181 -44.50 -9.14 23.69
CA LEU B 181 -43.50 -9.81 24.51
C LEU B 181 -43.92 -11.25 24.78
N VAL B 182 -45.23 -11.49 24.81
CA VAL B 182 -45.75 -12.82 25.08
C VAL B 182 -45.58 -13.66 23.83
N VAL B 183 -45.92 -13.06 22.69
CA VAL B 183 -45.81 -13.73 21.41
C VAL B 183 -44.34 -14.08 21.18
N ILE B 184 -43.47 -13.18 21.65
CA ILE B 184 -42.03 -13.36 21.51
C ILE B 184 -41.58 -14.55 22.38
N LYS B 185 -41.87 -14.46 23.69
CA LYS B 185 -41.33 -15.39 24.67
C LYS B 185 -41.69 -16.83 24.25
N TYR B 186 -42.94 -17.00 23.79
CA TYR B 186 -43.41 -18.26 23.28
C TYR B 186 -42.49 -18.72 22.15
N ILE B 187 -42.15 -17.75 21.28
CA ILE B 187 -41.30 -17.95 20.12
C ILE B 187 -39.98 -18.56 20.58
N GLU B 188 -39.36 -17.93 21.59
CA GLU B 188 -38.05 -18.35 22.10
C GLU B 188 -38.07 -19.84 22.48
N GLU B 189 -39.11 -20.25 23.23
CA GLU B 189 -39.20 -21.62 23.72
C GLU B 189 -39.29 -22.61 22.56
N LEU B 190 -40.18 -22.32 21.60
CA LEU B 190 -40.37 -23.15 20.42
C LEU B 190 -39.01 -23.57 19.86
N MET B 191 -38.02 -22.67 19.98
CA MET B 191 -36.64 -22.93 19.63
C MET B 191 -35.90 -23.46 20.86
N ILE B 207 -30.64 -17.88 22.19
CA ILE B 207 -31.50 -16.97 21.38
C ILE B 207 -32.38 -16.12 22.30
N ASP B 208 -32.21 -14.79 22.19
CA ASP B 208 -32.96 -13.82 22.99
C ASP B 208 -33.42 -12.65 22.12
N ILE B 209 -34.72 -12.29 22.25
CA ILE B 209 -35.40 -11.38 21.34
C ILE B 209 -36.03 -10.23 22.12
N ASP B 210 -35.30 -9.12 22.29
CA ASP B 210 -35.85 -7.96 22.98
C ASP B 210 -36.79 -7.17 22.08
N ILE B 211 -37.32 -6.06 22.63
CA ILE B 211 -38.04 -5.02 21.92
C ILE B 211 -37.35 -3.70 22.26
N LEU B 212 -36.77 -3.06 21.25
CA LEU B 212 -36.09 -1.81 21.57
C LEU B 212 -37.10 -0.67 21.55
N PHE B 213 -38.12 -0.80 20.68
CA PHE B 213 -39.11 0.26 20.52
C PHE B 213 -40.46 -0.33 20.16
N PHE B 214 -41.51 0.41 20.54
CA PHE B 214 -42.86 0.15 20.08
C PHE B 214 -43.56 1.49 19.91
N ASN B 215 -43.67 1.93 18.65
CA ASN B 215 -44.04 3.28 18.29
C ASN B 215 -43.26 4.28 19.14
N ASP B 216 -43.92 5.34 19.62
CA ASP B 216 -43.20 6.38 20.35
C ASP B 216 -43.39 6.25 21.85
N PHE B 217 -43.74 5.03 22.31
CA PHE B 217 -44.16 4.83 23.69
C PHE B 217 -42.97 4.98 24.65
N THR B 218 -43.21 5.77 25.70
CA THR B 218 -42.31 5.86 26.84
C THR B 218 -42.92 5.07 27.99
N ILE B 219 -42.89 3.74 27.86
CA ILE B 219 -43.58 2.81 28.75
C ILE B 219 -42.67 2.42 29.92
N PHE B 220 -43.32 2.12 31.06
CA PHE B 220 -42.71 1.47 32.21
C PHE B 220 -43.81 0.76 33.00
N MET B 221 -43.56 -0.51 33.35
CA MET B 221 -44.48 -1.34 34.10
C MET B 221 -43.67 -2.34 34.92
N LYS B 222 -43.92 -2.35 36.25
CA LYS B 222 -42.93 -2.83 37.21
C LYS B 222 -43.22 -4.23 37.74
N ASN B 223 -44.48 -4.66 37.71
CA ASN B 223 -44.84 -5.98 38.23
C ASN B 223 -45.97 -6.59 37.40
N ILE B 224 -45.81 -7.87 37.05
CA ILE B 224 -46.88 -8.65 36.43
C ILE B 224 -46.65 -10.14 36.68
N LYS B 225 -47.73 -10.80 37.14
CA LYS B 225 -47.91 -12.23 37.03
C LYS B 225 -49.06 -12.44 36.06
N LEU B 226 -49.03 -13.56 35.32
CA LEU B 226 -50.06 -13.86 34.33
C LEU B 226 -50.49 -15.31 34.46
N GLU B 227 -51.64 -15.65 33.84
CA GLU B 227 -52.33 -16.90 34.06
C GLU B 227 -51.68 -18.04 33.27
N LYS B 228 -52.26 -19.24 33.42
CA LYS B 228 -51.92 -20.42 32.64
C LYS B 228 -52.82 -20.48 31.41
N ASN B 229 -53.91 -19.72 31.45
CA ASN B 229 -54.92 -19.66 30.41
C ASN B 229 -54.85 -18.32 29.68
N MET B 230 -54.41 -17.28 30.40
CA MET B 230 -54.19 -15.95 29.84
C MET B 230 -53.20 -16.07 28.70
N ILE B 231 -52.05 -16.68 29.00
CA ILE B 231 -51.04 -17.06 28.02
C ILE B 231 -51.75 -17.66 26.80
N TYR B 232 -52.59 -18.68 27.03
CA TYR B 232 -53.37 -19.26 25.94
C TYR B 232 -54.07 -18.14 25.18
N LYS B 233 -54.78 -17.25 25.92
CA LYS B 233 -55.80 -16.39 25.36
C LYS B 233 -55.20 -15.24 24.54
N ILE B 234 -53.98 -14.82 24.90
CA ILE B 234 -53.25 -13.83 24.12
C ILE B 234 -52.58 -14.52 22.93
N LEU B 235 -51.93 -15.66 23.21
CA LEU B 235 -51.27 -16.50 22.22
C LEU B 235 -52.31 -17.22 21.36
N SER B 236 -53.60 -16.95 21.62
CA SER B 236 -54.70 -17.48 20.84
C SER B 236 -55.18 -16.43 19.85
N LYS B 237 -55.15 -15.16 20.28
CA LYS B 237 -55.65 -14.03 19.50
C LYS B 237 -54.91 -13.94 18.18
N TYR B 238 -53.71 -14.56 18.12
CA TYR B 238 -52.77 -14.36 17.04
C TYR B 238 -52.37 -15.68 16.37
N ILE B 239 -52.48 -16.79 17.12
CA ILE B 239 -51.97 -18.07 16.63
C ILE B 239 -53.07 -19.14 16.75
N HIS B 240 -53.31 -19.85 15.64
CA HIS B 240 -54.17 -21.01 15.58
C HIS B 240 -53.44 -22.21 16.19
N LEU B 241 -53.40 -22.22 17.53
CA LEU B 241 -52.75 -23.28 18.31
C LEU B 241 -53.70 -24.48 18.43
N GLU B 304 -46.47 -28.21 27.69
CA GLU B 304 -45.47 -28.37 28.79
C GLU B 304 -44.71 -27.05 28.99
N ILE B 305 -44.83 -26.15 28.01
CA ILE B 305 -44.13 -24.88 27.99
C ILE B 305 -45.11 -23.77 28.32
N ILE B 306 -46.36 -24.18 28.62
CA ILE B 306 -47.52 -23.33 28.74
C ILE B 306 -47.27 -22.24 29.80
N ASN B 307 -46.79 -22.64 30.98
CA ASN B 307 -46.56 -21.75 32.10
C ASN B 307 -45.12 -21.26 32.12
N ASN B 308 -44.25 -21.97 31.38
CA ASN B 308 -42.80 -21.90 31.48
C ASN B 308 -42.29 -20.46 31.33
N MET B 309 -43.20 -19.55 30.97
CA MET B 309 -42.85 -18.23 30.48
C MET B 309 -42.86 -17.20 31.62
N VAL B 310 -43.65 -17.46 32.66
CA VAL B 310 -44.11 -16.41 33.56
C VAL B 310 -43.02 -15.95 34.53
N ASP B 311 -42.12 -16.85 34.96
CA ASP B 311 -41.06 -16.50 35.90
C ASP B 311 -40.06 -15.53 35.25
N ASN B 312 -40.13 -15.45 33.91
CA ASN B 312 -39.21 -14.67 33.10
C ASN B 312 -39.82 -13.31 32.75
N ILE B 313 -41.14 -13.29 32.51
CA ILE B 313 -41.82 -12.07 32.11
C ILE B 313 -42.24 -11.29 33.36
N GLU B 314 -41.23 -10.68 34.00
CA GLU B 314 -41.40 -9.95 35.25
C GLU B 314 -41.64 -8.47 34.95
N PHE B 315 -41.36 -8.06 33.71
CA PHE B 315 -41.00 -6.69 33.40
C PHE B 315 -41.37 -6.36 31.94
N LEU B 316 -41.35 -5.07 31.62
CA LEU B 316 -41.53 -4.55 30.27
C LEU B 316 -41.12 -3.08 30.23
N SER B 317 -39.91 -2.82 29.70
CA SER B 317 -39.42 -1.46 29.51
C SER B 317 -39.34 -1.13 28.02
N ILE B 318 -39.84 0.07 27.68
CA ILE B 318 -39.84 0.57 26.31
C ILE B 318 -39.66 2.08 26.33
N PRO B 319 -38.55 2.62 25.77
CA PRO B 319 -37.55 1.80 25.09
C PRO B 319 -36.95 0.80 26.06
N HIS B 320 -36.38 -0.29 25.52
CA HIS B 320 -35.61 -1.23 26.33
C HIS B 320 -34.60 -0.46 27.19
N VAL B 321 -34.16 -1.10 28.29
CA VAL B 321 -33.21 -0.49 29.20
C VAL B 321 -31.80 -0.47 28.58
N TYR B 322 -31.38 -1.61 28.01
CA TYR B 322 -30.03 -1.83 27.50
C TYR B 322 -29.69 -0.85 26.37
N THR B 323 -30.68 -0.09 25.91
CA THR B 323 -30.71 0.63 24.65
C THR B 323 -29.52 1.57 24.48
N THR B 324 -29.23 2.36 25.52
CA THR B 324 -28.21 3.40 25.41
C THR B 324 -26.86 2.84 25.89
N HIS B 325 -26.84 1.56 26.29
CA HIS B 325 -25.73 1.03 27.07
C HIS B 325 -24.97 -0.08 26.35
N ARG B 326 -25.68 -1.10 25.86
CA ARG B 326 -25.05 -2.14 25.05
C ARG B 326 -24.66 -1.54 23.70
N TYR B 327 -23.36 -1.60 23.37
CA TYR B 327 -22.84 -1.04 22.13
C TYR B 327 -23.34 -1.85 20.94
N SER B 328 -23.42 -3.17 21.08
CA SER B 328 -23.84 -4.00 19.96
C SER B 328 -25.18 -3.48 19.42
N ILE B 329 -26.06 -3.07 20.34
CA ILE B 329 -27.40 -2.63 20.03
C ILE B 329 -27.34 -1.33 19.23
N LEU B 330 -26.71 -0.31 19.81
CA LEU B 330 -26.55 1.00 19.17
C LEU B 330 -25.89 0.87 17.80
N LEU B 331 -25.28 -0.30 17.51
CA LEU B 331 -24.50 -0.51 16.30
C LEU B 331 -25.41 -1.10 15.22
N CYS B 332 -26.24 -2.06 15.64
CA CYS B 332 -27.29 -2.59 14.81
C CYS B 332 -28.32 -1.51 14.43
N LEU B 333 -28.53 -0.54 15.34
CA LEU B 333 -29.56 0.45 15.10
C LEU B 333 -29.06 1.44 14.06
N ASN B 334 -27.76 1.75 14.10
CA ASN B 334 -27.17 2.77 13.24
C ASN B 334 -27.37 2.36 11.78
N ASP B 335 -27.47 1.05 11.54
CA ASP B 335 -27.69 0.54 10.21
C ASP B 335 -29.08 0.96 9.76
N MET B 336 -30.04 0.86 10.69
CA MET B 336 -31.45 0.80 10.33
C MET B 336 -32.08 2.18 10.43
N ILE B 337 -31.83 2.85 11.55
CA ILE B 337 -32.66 3.94 12.02
C ILE B 337 -31.77 5.11 12.43
N PRO B 338 -30.76 5.48 11.60
CA PRO B 338 -29.78 6.50 11.98
C PRO B 338 -30.40 7.80 12.48
N GLU B 339 -31.50 8.24 11.84
CA GLU B 339 -32.02 9.58 12.05
C GLU B 339 -33.14 9.58 13.09
N TYR B 340 -33.40 8.40 13.68
CA TYR B 340 -34.46 8.27 14.67
C TYR B 340 -34.12 9.10 15.90
N LYS B 341 -35.18 9.53 16.62
CA LYS B 341 -35.00 10.17 17.90
C LYS B 341 -36.21 9.91 18.77
N HIS B 342 -36.05 9.02 19.75
CA HIS B 342 -36.99 8.86 20.84
C HIS B 342 -36.89 10.08 21.76
N ASN B 343 -38.01 10.47 22.37
CA ASN B 343 -38.11 11.66 23.20
C ASN B 343 -37.29 11.48 24.49
N VAL B 344 -37.29 10.23 25.00
CA VAL B 344 -36.55 9.89 26.20
C VAL B 344 -35.13 9.48 25.81
N LEU B 345 -34.63 10.07 24.72
CA LEU B 345 -33.23 9.94 24.30
C LEU B 345 -32.67 11.30 23.89
N ASN B 346 -31.40 11.53 24.24
CA ASN B 346 -30.87 12.89 24.31
C ASN B 346 -30.25 13.32 22.98
N ASN B 347 -30.02 12.36 22.08
CA ASN B 347 -29.69 12.67 20.70
C ASN B 347 -30.14 11.53 19.79
N THR B 348 -30.05 11.77 18.48
CA THR B 348 -30.39 10.79 17.44
C THR B 348 -29.49 9.56 17.55
N ILE B 349 -30.01 8.41 17.12
CA ILE B 349 -29.28 7.15 17.17
C ILE B 349 -27.93 7.21 16.44
N ARG B 350 -27.78 8.08 15.43
CA ARG B 350 -26.48 8.24 14.79
C ARG B 350 -25.56 9.07 15.68
N CYS B 351 -26.09 10.20 16.20
CA CYS B 351 -25.29 11.08 17.03
C CYS B 351 -25.03 10.43 18.40
N LEU B 352 -25.82 9.40 18.75
CA LEU B 352 -25.54 8.59 19.92
C LEU B 352 -24.42 7.61 19.60
N TYR B 353 -24.55 6.91 18.46
CA TYR B 353 -23.57 5.94 18.02
C TYR B 353 -22.17 6.59 17.89
N ASN B 354 -22.09 7.67 17.11
CA ASN B 354 -20.84 8.36 16.83
C ASN B 354 -20.19 8.94 18.10
N LYS B 355 -20.96 9.14 19.18
CA LYS B 355 -20.37 9.59 20.42
C LYS B 355 -19.79 8.43 21.24
N TYR B 356 -20.44 7.26 21.20
CA TYR B 356 -19.89 6.07 21.84
C TYR B 356 -18.50 5.81 21.26
N VAL B 357 -18.45 5.65 19.93
CA VAL B 357 -17.22 5.37 19.20
C VAL B 357 -16.19 6.46 19.45
N SER B 358 -16.58 7.74 19.31
CA SER B 358 -15.67 8.85 19.49
C SER B 358 -15.00 8.78 20.86
N ARG B 359 -15.82 8.57 21.91
CA ARG B 359 -15.38 8.73 23.28
C ARG B 359 -14.60 7.51 23.75
N MET B 360 -15.07 6.31 23.39
CA MET B 360 -14.40 5.06 23.72
C MET B 360 -12.99 4.98 23.12
N LYS B 361 -12.60 6.02 22.37
CA LYS B 361 -11.28 6.07 21.75
C LYS B 361 -10.35 6.96 22.57
N GLU B 362 -10.81 8.16 22.91
CA GLU B 362 -9.97 9.11 23.63
C GLU B 362 -9.99 8.82 25.13
N GLN B 363 -11.11 8.32 25.64
CA GLN B 363 -11.23 7.98 27.05
C GLN B 363 -10.41 6.73 27.38
N TYR B 364 -10.69 5.61 26.66
CA TYR B 364 -10.14 4.30 26.96
C TYR B 364 -8.97 3.94 26.04
N ASN B 365 -8.85 4.64 24.90
CA ASN B 365 -7.81 4.40 23.90
C ASN B 365 -8.13 3.17 23.07
N ILE B 366 -9.41 2.75 23.06
CA ILE B 366 -9.85 1.57 22.33
C ILE B 366 -10.37 1.97 20.95
N ASN B 367 -10.16 1.07 19.99
CA ASN B 367 -10.82 1.10 18.69
C ASN B 367 -11.90 0.01 18.71
N ILE B 368 -13.16 0.41 18.91
CA ILE B 368 -14.22 -0.50 19.33
C ILE B 368 -14.70 -1.39 18.18
N LYS B 369 -14.36 -1.02 16.94
CA LYS B 369 -14.78 -1.78 15.77
C LYS B 369 -13.89 -3.02 15.58
N GLU B 370 -12.75 -3.05 16.28
CA GLU B 370 -11.77 -4.13 16.20
C GLU B 370 -12.39 -5.44 16.69
N ASN B 371 -13.27 -5.36 17.70
CA ASN B 371 -13.80 -6.57 18.32
C ASN B 371 -15.30 -6.73 18.04
N ASN B 372 -15.87 -5.78 17.29
CA ASN B 372 -17.26 -5.88 16.84
C ASN B 372 -17.30 -5.82 15.32
N LYS B 373 -17.39 -7.00 14.72
CA LYS B 373 -17.05 -7.20 13.32
C LYS B 373 -18.32 -7.47 12.53
N ARG B 374 -18.51 -6.69 11.44
CA ARG B 374 -19.70 -6.78 10.59
C ARG B 374 -19.63 -8.05 9.76
N ILE B 375 -20.77 -8.76 9.66
CA ILE B 375 -20.82 -10.06 8.98
C ILE B 375 -21.69 -9.97 7.73
N TYR B 376 -21.39 -10.84 6.75
CA TYR B 376 -22.24 -11.06 5.60
C TYR B 376 -22.18 -12.56 5.33
N VAL B 377 -23.19 -13.10 4.63
CA VAL B 377 -23.40 -14.52 4.49
C VAL B 377 -23.62 -14.78 3.01
N LEU B 378 -22.99 -15.85 2.50
CA LEU B 378 -23.05 -16.19 1.09
C LEU B 378 -23.97 -17.38 0.89
N LYS B 379 -23.74 -18.46 1.66
CA LYS B 379 -24.61 -19.61 1.73
C LYS B 379 -25.28 -19.66 3.11
N ASP B 380 -24.57 -20.25 4.08
CA ASP B 380 -25.11 -20.53 5.40
C ASP B 380 -24.10 -20.18 6.49
N ARG B 381 -22.90 -19.74 6.08
CA ARG B 381 -21.79 -19.50 7.00
C ARG B 381 -21.58 -18.01 7.25
N ILE B 382 -21.00 -17.71 8.41
CA ILE B 382 -20.47 -16.39 8.70
C ILE B 382 -19.31 -16.11 7.74
N SER B 383 -19.18 -14.83 7.36
CA SER B 383 -18.04 -14.26 6.66
C SER B 383 -17.84 -12.88 7.26
N TYR B 384 -16.60 -12.59 7.66
CA TYR B 384 -16.32 -11.31 8.27
C TYR B 384 -16.03 -10.31 7.16
N LEU B 385 -16.84 -9.25 7.10
CA LEU B 385 -16.63 -8.22 6.10
C LEU B 385 -15.19 -7.75 6.15
N LYS B 386 -14.54 -7.80 4.98
CA LYS B 386 -13.27 -7.15 4.64
C LYS B 386 -12.07 -8.01 5.03
N GLU B 387 -12.32 -9.25 5.44
CA GLU B 387 -11.23 -10.06 5.97
C GLU B 387 -10.76 -11.09 4.95
N LYS B 388 -11.38 -11.08 3.77
CA LYS B 388 -10.88 -11.96 2.72
C LYS B 388 -11.30 -11.40 1.36
N THR B 389 -10.61 -11.85 0.32
CA THR B 389 -10.96 -11.65 -1.06
C THR B 389 -11.23 -13.04 -1.64
N ASN B 390 -12.51 -13.39 -1.76
CA ASN B 390 -12.89 -14.70 -2.27
C ASN B 390 -12.77 -14.69 -3.79
N ILE B 391 -12.28 -15.79 -4.35
CA ILE B 391 -12.29 -15.94 -5.79
C ILE B 391 -13.64 -16.54 -6.16
N VAL B 392 -14.22 -15.96 -7.22
CA VAL B 392 -15.44 -16.46 -7.82
C VAL B 392 -15.09 -16.90 -9.24
N GLY B 393 -15.13 -18.21 -9.45
CA GLY B 393 -14.74 -18.74 -10.74
C GLY B 393 -15.88 -18.59 -11.74
N ILE B 394 -15.55 -18.09 -12.93
CA ILE B 394 -16.57 -17.90 -13.93
C ILE B 394 -16.75 -19.22 -14.66
N LEU B 395 -18.01 -19.67 -14.76
CA LEU B 395 -18.32 -20.71 -15.73
C LEU B 395 -19.37 -20.22 -16.72
N ASN B 396 -18.91 -20.02 -17.96
CA ASN B 396 -19.70 -19.45 -19.03
C ASN B 396 -19.99 -20.54 -20.06
N VAL B 397 -21.25 -21.02 -20.13
CA VAL B 397 -21.60 -22.14 -21.00
C VAL B 397 -21.71 -21.70 -22.46
N ASN B 398 -22.17 -20.45 -22.70
CA ASN B 398 -22.08 -19.81 -24.01
C ASN B 398 -20.61 -19.61 -24.37
N PHE B 408 -24.32 -27.36 -29.41
CA PHE B 408 -22.93 -27.28 -29.94
C PHE B 408 -21.93 -27.41 -28.80
N VAL B 409 -22.40 -27.19 -27.56
CA VAL B 409 -21.54 -27.23 -26.39
C VAL B 409 -22.01 -28.32 -25.44
N GLU B 410 -21.12 -28.76 -24.55
CA GLU B 410 -21.10 -30.11 -24.00
C GLU B 410 -21.10 -30.11 -22.46
N PRO B 411 -22.25 -30.43 -21.80
CA PRO B 411 -22.35 -30.46 -20.33
C PRO B 411 -21.30 -31.21 -19.52
N LYS B 412 -20.69 -32.26 -20.10
CA LYS B 412 -19.73 -33.11 -19.40
C LYS B 412 -18.49 -32.30 -19.07
N ARG B 413 -17.95 -31.61 -20.07
CA ARG B 413 -16.81 -30.73 -19.83
C ARG B 413 -17.16 -29.78 -18.69
N ALA B 414 -18.28 -29.05 -18.84
CA ALA B 414 -18.60 -27.95 -17.96
C ALA B 414 -18.61 -28.36 -16.48
N VAL B 415 -18.76 -29.66 -16.21
CA VAL B 415 -18.67 -30.08 -14.81
C VAL B 415 -17.22 -30.38 -14.44
N GLN B 416 -16.43 -30.83 -15.43
CA GLN B 416 -15.00 -31.01 -15.23
C GLN B 416 -14.37 -29.67 -14.86
N ARG B 417 -14.81 -28.61 -15.57
CA ARG B 417 -14.29 -27.26 -15.41
C ARG B 417 -14.67 -26.72 -14.04
N MET B 418 -15.87 -27.05 -13.57
CA MET B 418 -16.28 -26.64 -12.24
C MET B 418 -15.35 -27.28 -11.21
N PHE B 419 -15.06 -28.57 -11.41
CA PHE B 419 -14.22 -29.35 -10.50
C PHE B 419 -12.81 -28.77 -10.48
N GLU B 420 -12.19 -28.67 -11.65
CA GLU B 420 -10.95 -27.94 -11.82
C GLU B 420 -10.98 -26.69 -10.92
N MET B 421 -11.95 -25.81 -11.16
CA MET B 421 -11.98 -24.50 -10.53
C MET B 421 -11.89 -24.61 -9.01
N ILE B 422 -12.64 -25.56 -8.44
CA ILE B 422 -12.61 -25.78 -7.01
C ILE B 422 -11.18 -26.10 -6.60
N ASN B 423 -10.54 -26.95 -7.41
CA ASN B 423 -9.20 -27.40 -7.11
C ASN B 423 -8.25 -26.21 -7.14
N GLU B 424 -8.50 -25.27 -8.08
CA GLU B 424 -7.52 -24.25 -8.40
C GLU B 424 -7.60 -23.11 -7.40
N GLY B 425 -8.56 -23.17 -6.46
CA GLY B 425 -8.66 -22.16 -5.42
C GLY B 425 -10.03 -21.46 -5.29
N ALA B 426 -10.91 -21.60 -6.29
CA ALA B 426 -12.18 -20.88 -6.28
C ALA B 426 -13.11 -21.34 -5.15
N SER B 427 -13.63 -20.37 -4.38
CA SER B 427 -14.63 -20.67 -3.36
C SER B 427 -16.06 -20.45 -3.86
N VAL B 428 -16.21 -19.69 -4.95
CA VAL B 428 -17.52 -19.56 -5.57
C VAL B 428 -17.37 -19.88 -7.05
N ILE B 429 -18.42 -20.53 -7.59
CA ILE B 429 -18.60 -20.67 -9.03
C ILE B 429 -19.85 -19.88 -9.42
N ASP B 430 -19.67 -19.00 -10.42
CA ASP B 430 -20.72 -18.17 -10.98
C ASP B 430 -21.05 -18.77 -12.34
N ILE B 431 -22.24 -19.36 -12.44
CA ILE B 431 -22.61 -20.05 -13.67
C ILE B 431 -23.57 -19.16 -14.47
N GLY B 432 -23.36 -19.12 -15.78
CA GLY B 432 -24.31 -18.44 -16.64
C GLY B 432 -24.19 -18.83 -18.11
N GLY B 433 -25.36 -18.94 -18.74
CA GLY B 433 -25.56 -18.75 -20.17
C GLY B 433 -26.44 -17.51 -20.38
N GLU B 434 -26.14 -16.72 -21.42
CA GLU B 434 -26.86 -15.48 -21.69
C GLU B 434 -26.07 -14.67 -22.72
N LYS B 445 -31.64 -21.47 -32.04
CA LYS B 445 -30.74 -21.64 -30.86
C LYS B 445 -31.56 -22.08 -29.64
N ILE B 446 -30.87 -22.51 -28.57
CA ILE B 446 -31.55 -23.09 -27.42
C ILE B 446 -31.30 -22.27 -26.16
N SER B 447 -32.09 -22.58 -25.12
CA SER B 447 -32.44 -21.64 -24.08
C SER B 447 -31.44 -21.66 -22.91
N GLU B 448 -31.34 -20.49 -22.27
CA GLU B 448 -30.65 -20.32 -21.00
C GLU B 448 -30.88 -21.53 -20.10
N ARG B 449 -32.16 -21.89 -19.91
CA ARG B 449 -32.54 -22.97 -19.00
C ARG B 449 -31.87 -24.28 -19.43
N ASP B 450 -31.72 -24.47 -20.74
CA ASP B 450 -31.19 -25.75 -21.21
C ASP B 450 -29.69 -25.76 -20.98
N LEU B 451 -29.08 -24.57 -21.03
CA LEU B 451 -27.63 -24.46 -20.95
C LEU B 451 -27.15 -24.66 -19.52
N VAL B 452 -28.03 -24.41 -18.54
CA VAL B 452 -27.57 -24.06 -17.20
C VAL B 452 -28.10 -25.02 -16.15
N VAL B 453 -29.37 -25.43 -16.29
CA VAL B 453 -30.07 -26.24 -15.30
C VAL B 453 -29.53 -27.67 -15.27
N PRO B 454 -29.31 -28.33 -16.44
CA PRO B 454 -28.70 -29.65 -16.49
C PRO B 454 -27.31 -29.68 -15.87
N VAL B 455 -26.45 -28.74 -16.32
CA VAL B 455 -25.06 -28.66 -15.90
C VAL B 455 -25.02 -28.57 -14.39
N LEU B 456 -25.91 -27.76 -13.82
CA LEU B 456 -25.99 -27.62 -12.37
C LEU B 456 -26.48 -28.93 -11.76
N GLN B 457 -27.22 -29.71 -12.55
CA GLN B 457 -27.76 -31.02 -12.19
C GLN B 457 -26.63 -32.06 -12.20
N LEU B 458 -25.98 -32.23 -13.36
CA LEU B 458 -24.84 -33.14 -13.48
C LEU B 458 -23.90 -32.91 -12.29
N PHE B 459 -23.58 -31.64 -12.03
CA PHE B 459 -22.70 -31.23 -10.94
C PHE B 459 -23.22 -31.74 -9.60
N GLN B 460 -24.48 -31.42 -9.27
CA GLN B 460 -25.06 -31.69 -7.96
C GLN B 460 -25.06 -33.20 -7.70
N LYS B 461 -25.06 -34.00 -8.78
CA LYS B 461 -24.93 -35.44 -8.67
C LYS B 461 -23.48 -35.78 -8.33
N GLU B 462 -22.58 -35.44 -9.28
CA GLU B 462 -21.19 -35.86 -9.24
C GLU B 462 -20.51 -35.42 -7.96
N TRP B 463 -21.12 -34.46 -7.24
CA TRP B 463 -20.59 -33.98 -5.96
C TRP B 463 -21.03 -34.89 -4.82
N ASN B 464 -22.12 -35.64 -5.03
CA ASN B 464 -22.60 -36.60 -4.06
C ASN B 464 -21.90 -37.95 -4.27
N ASP B 465 -21.59 -38.23 -5.54
CA ASP B 465 -20.65 -39.30 -5.91
C ASP B 465 -19.43 -39.19 -4.99
N ILE B 466 -18.74 -38.04 -5.05
CA ILE B 466 -17.54 -37.78 -4.29
C ILE B 466 -17.91 -37.01 -3.01
N ASP B 474 -17.74 -31.59 3.64
CA ASP B 474 -18.51 -30.32 3.43
C ASP B 474 -17.56 -29.13 3.28
N ALA B 475 -16.80 -29.14 2.16
CA ALA B 475 -16.07 -27.99 1.67
C ALA B 475 -16.64 -27.60 0.31
N LYS B 476 -17.99 -27.58 0.26
CA LYS B 476 -18.71 -27.48 -1.00
C LYS B 476 -18.58 -26.07 -1.57
N PRO B 477 -18.29 -25.96 -2.89
CA PRO B 477 -18.32 -24.68 -3.60
C PRO B 477 -19.70 -24.05 -3.50
N ILE B 478 -19.70 -22.76 -3.16
CA ILE B 478 -20.86 -21.89 -3.21
C ILE B 478 -21.18 -21.61 -4.68
N ILE B 479 -22.47 -21.72 -5.02
CA ILE B 479 -22.89 -21.62 -6.41
C ILE B 479 -23.77 -20.39 -6.63
N SER B 480 -23.38 -19.58 -7.62
CA SER B 480 -24.24 -18.47 -8.00
C SER B 480 -24.52 -18.53 -9.49
N ILE B 481 -25.73 -18.06 -9.86
CA ILE B 481 -26.18 -18.13 -11.24
C ILE B 481 -26.28 -16.70 -11.78
N ASP B 482 -25.64 -16.47 -12.92
CA ASP B 482 -25.69 -15.18 -13.59
C ASP B 482 -26.96 -15.15 -14.45
N THR B 483 -28.07 -14.67 -13.86
CA THR B 483 -29.35 -14.67 -14.54
C THR B 483 -30.16 -13.42 -14.17
N ILE B 484 -31.03 -12.99 -15.08
CA ILE B 484 -32.05 -11.98 -14.78
C ILE B 484 -33.43 -12.59 -14.98
N ASN B 485 -33.46 -13.88 -15.36
CA ASN B 485 -34.63 -14.66 -15.73
C ASN B 485 -35.29 -15.26 -14.49
N TYR B 486 -36.48 -14.74 -14.15
CA TYR B 486 -37.21 -15.18 -12.97
C TYR B 486 -37.42 -16.70 -12.99
N ASN B 487 -37.70 -17.27 -14.15
CA ASN B 487 -38.14 -18.66 -14.20
C ASN B 487 -36.94 -19.56 -13.93
N VAL B 488 -35.83 -19.28 -14.63
CA VAL B 488 -34.58 -20.03 -14.45
C VAL B 488 -34.22 -20.06 -12.97
N PHE B 489 -34.38 -18.92 -12.29
CA PHE B 489 -33.92 -18.90 -10.92
C PHE B 489 -34.87 -19.70 -10.04
N LYS B 490 -36.16 -19.77 -10.45
CA LYS B 490 -37.21 -20.46 -9.71
C LYS B 490 -36.93 -21.95 -9.72
N GLU B 491 -36.42 -22.44 -10.86
CA GLU B 491 -36.14 -23.85 -11.00
C GLU B 491 -35.00 -24.20 -10.03
N CYS B 492 -33.81 -23.68 -10.34
CA CYS B 492 -32.60 -23.83 -9.55
C CYS B 492 -32.90 -23.81 -8.06
N VAL B 493 -33.74 -22.88 -7.62
CA VAL B 493 -33.97 -22.67 -6.20
C VAL B 493 -34.95 -23.70 -5.65
N ASP B 494 -35.89 -24.16 -6.50
CA ASP B 494 -36.83 -25.21 -6.15
C ASP B 494 -36.13 -26.58 -6.12
N ASN B 495 -34.93 -26.63 -6.72
CA ASN B 495 -34.23 -27.89 -6.91
C ASN B 495 -32.91 -27.92 -6.11
N ASP B 496 -32.68 -26.92 -5.25
CA ASP B 496 -31.42 -26.70 -4.56
C ASP B 496 -30.23 -26.89 -5.52
N LEU B 497 -30.09 -25.99 -6.49
CA LEU B 497 -29.02 -26.08 -7.47
C LEU B 497 -28.03 -24.91 -7.32
N VAL B 498 -28.40 -23.91 -6.51
CA VAL B 498 -27.72 -22.62 -6.49
C VAL B 498 -27.90 -22.01 -5.10
N ASP B 499 -27.03 -21.03 -4.77
CA ASP B 499 -26.99 -20.42 -3.45
C ASP B 499 -27.21 -18.92 -3.55
N ILE B 500 -26.87 -18.34 -4.71
CA ILE B 500 -26.85 -16.90 -4.91
C ILE B 500 -27.41 -16.57 -6.29
N LEU B 501 -28.16 -15.47 -6.35
CA LEU B 501 -28.56 -14.82 -7.60
C LEU B 501 -27.55 -13.73 -7.94
N ASN B 502 -26.88 -13.89 -9.08
CA ASN B 502 -26.10 -12.80 -9.66
C ASN B 502 -26.97 -12.06 -10.68
N ASP B 503 -27.53 -10.92 -10.26
CA ASP B 503 -28.46 -10.15 -11.06
C ASP B 503 -27.82 -8.86 -11.59
N ILE B 504 -27.37 -8.90 -12.84
CA ILE B 504 -26.64 -7.79 -13.43
C ILE B 504 -27.56 -6.60 -13.65
N SER B 505 -28.86 -6.74 -13.36
CA SER B 505 -29.73 -5.58 -13.55
C SER B 505 -30.20 -5.04 -12.21
N ALA B 506 -29.56 -5.55 -11.14
CA ALA B 506 -29.87 -5.17 -9.79
C ALA B 506 -31.35 -5.43 -9.54
N CYS B 507 -31.86 -6.47 -10.19
CA CYS B 507 -33.23 -6.92 -10.00
C CYS B 507 -34.20 -5.84 -10.48
N THR B 508 -33.86 -5.18 -11.58
CA THR B 508 -34.77 -4.21 -12.13
C THR B 508 -35.36 -4.75 -13.43
N ASN B 509 -34.81 -5.86 -13.93
CA ASN B 509 -35.42 -6.53 -15.07
C ASN B 509 -36.80 -7.03 -14.65
N ASN B 510 -36.86 -7.60 -13.45
CA ASN B 510 -38.04 -8.28 -12.95
C ASN B 510 -38.00 -8.25 -11.44
N PRO B 511 -38.37 -7.12 -10.81
CA PRO B 511 -38.31 -6.99 -9.35
C PRO B 511 -38.94 -8.18 -8.63
N GLU B 512 -39.88 -8.88 -9.27
CA GLU B 512 -40.51 -10.05 -8.68
C GLU B 512 -39.47 -11.09 -8.28
N ILE B 513 -38.27 -11.02 -8.85
CA ILE B 513 -37.28 -12.07 -8.66
C ILE B 513 -36.86 -12.12 -7.18
N ILE B 514 -37.04 -11.00 -6.49
CA ILE B 514 -36.64 -10.88 -5.10
C ILE B 514 -37.41 -11.88 -4.24
N LYS B 515 -38.65 -12.17 -4.64
CA LYS B 515 -39.52 -13.05 -3.90
C LYS B 515 -38.91 -14.44 -3.79
N LEU B 516 -38.19 -14.88 -4.84
CA LEU B 516 -37.55 -16.19 -4.81
C LEU B 516 -36.35 -16.22 -3.88
N LEU B 517 -36.03 -15.09 -3.22
CA LEU B 517 -34.86 -15.05 -2.37
C LEU B 517 -35.21 -15.52 -0.96
N LYS B 518 -36.52 -15.66 -0.67
CA LYS B 518 -37.01 -16.19 0.59
C LYS B 518 -37.71 -17.54 0.39
N LYS B 519 -37.68 -18.36 1.45
CA LYS B 519 -38.62 -19.43 1.71
C LYS B 519 -39.01 -19.31 3.18
N LYS B 520 -39.91 -20.17 3.66
CA LYS B 520 -40.39 -20.02 5.03
C LYS B 520 -39.33 -20.56 5.99
N ASN B 521 -38.19 -20.98 5.42
CA ASN B 521 -37.12 -21.64 6.15
C ASN B 521 -35.73 -21.21 5.68
N LYS B 522 -35.61 -20.78 4.41
CA LYS B 522 -34.30 -20.51 3.82
C LYS B 522 -34.29 -19.11 3.19
N PHE B 523 -33.19 -18.38 3.40
CA PHE B 523 -32.90 -17.15 2.68
C PHE B 523 -31.77 -17.42 1.69
N TYR B 524 -31.67 -16.58 0.64
CA TYR B 524 -30.58 -16.66 -0.33
C TYR B 524 -29.99 -15.28 -0.57
N SER B 525 -28.69 -15.23 -0.83
CA SER B 525 -27.98 -13.97 -0.97
C SER B 525 -27.99 -13.50 -2.43
N VAL B 526 -27.76 -12.21 -2.65
CA VAL B 526 -27.88 -11.64 -3.99
C VAL B 526 -26.75 -10.64 -4.25
N VAL B 527 -26.27 -10.65 -5.51
CA VAL B 527 -25.35 -9.66 -6.04
C VAL B 527 -26.19 -8.67 -6.85
N LEU B 528 -26.20 -7.41 -6.42
CA LEU B 528 -26.83 -6.32 -7.15
C LEU B 528 -25.75 -5.61 -7.94
N MET B 529 -25.81 -5.65 -9.28
CA MET B 529 -24.84 -4.94 -10.11
C MET B 529 -25.48 -3.74 -10.82
N HIS B 530 -24.71 -2.63 -10.96
CA HIS B 530 -25.10 -1.44 -11.71
C HIS B 530 -24.69 -1.50 -13.18
N LYS B 531 -25.62 -1.18 -14.09
CA LYS B 531 -25.32 -0.99 -15.50
C LYS B 531 -26.34 -0.03 -16.10
N ARG B 532 -26.24 0.23 -17.40
CA ARG B 532 -27.29 0.95 -18.10
C ARG B 532 -27.46 0.30 -19.45
N GLY B 533 -28.71 0.07 -19.86
CA GLY B 533 -28.91 -0.48 -21.19
C GLY B 533 -28.49 -1.94 -21.23
N ASN B 534 -27.99 -2.35 -22.39
CA ASN B 534 -27.61 -3.72 -22.67
C ASN B 534 -26.32 -3.69 -23.47
N PRO B 535 -25.79 -4.85 -23.91
CA PRO B 535 -24.40 -4.92 -24.40
C PRO B 535 -24.20 -4.17 -25.72
N HIS B 536 -25.30 -4.00 -26.47
CA HIS B 536 -25.25 -3.26 -27.72
C HIS B 536 -25.33 -1.74 -27.53
N THR B 537 -26.01 -1.26 -26.47
CA THR B 537 -26.19 0.17 -26.32
C THR B 537 -25.28 0.80 -25.27
N MET B 538 -24.85 0.02 -24.27
CA MET B 538 -24.33 0.55 -23.01
C MET B 538 -23.06 1.40 -23.19
N ASP B 539 -22.25 1.06 -24.20
CA ASP B 539 -21.03 1.77 -24.56
C ASP B 539 -21.34 3.25 -24.76
N LYS B 540 -22.58 3.55 -25.13
CA LYS B 540 -22.94 4.92 -25.47
C LYS B 540 -23.60 5.63 -24.28
N LEU B 541 -23.81 4.88 -23.17
CA LEU B 541 -24.66 5.34 -22.08
C LEU B 541 -23.80 5.82 -20.91
N THR B 542 -22.97 6.78 -21.23
CA THR B 542 -21.75 7.00 -20.48
C THR B 542 -21.77 8.32 -19.70
N ASN B 543 -22.86 9.12 -19.77
CA ASN B 543 -22.79 10.39 -19.06
C ASN B 543 -23.33 10.26 -17.64
N TYR B 544 -22.54 10.73 -16.68
CA TYR B 544 -22.93 10.67 -15.28
C TYR B 544 -22.73 12.04 -14.66
N ASP B 545 -23.64 12.37 -13.73
CA ASP B 545 -23.56 13.62 -13.02
C ASP B 545 -22.35 13.55 -12.09
N ASN B 546 -22.39 12.56 -11.18
CA ASN B 546 -21.29 12.24 -10.30
C ASN B 546 -21.10 10.71 -10.33
N LEU B 547 -20.22 10.28 -11.25
CA LEU B 547 -20.00 8.86 -11.54
C LEU B 547 -19.95 8.01 -10.26
N VAL B 548 -18.99 8.29 -9.38
CA VAL B 548 -18.78 7.43 -8.23
C VAL B 548 -20.05 7.34 -7.37
N TYR B 549 -20.56 8.50 -6.93
CA TYR B 549 -21.68 8.57 -5.99
C TYR B 549 -23.03 8.20 -6.62
N ASP B 550 -23.21 8.46 -7.92
CA ASP B 550 -24.45 8.08 -8.58
C ASP B 550 -24.57 6.56 -8.53
N ILE B 551 -23.47 5.85 -8.71
CA ILE B 551 -23.54 4.41 -8.79
C ILE B 551 -23.75 3.87 -7.38
N LYS B 552 -23.10 4.53 -6.42
CA LYS B 552 -23.22 4.12 -5.02
C LYS B 552 -24.68 4.29 -4.58
N ASN B 553 -25.25 5.49 -4.79
CA ASN B 553 -26.61 5.78 -4.38
C ASN B 553 -27.56 4.82 -5.09
N TYR B 554 -27.33 4.60 -6.38
CA TYR B 554 -28.14 3.63 -7.09
C TYR B 554 -28.16 2.29 -6.34
N LEU B 555 -26.99 1.79 -5.97
CA LEU B 555 -26.88 0.48 -5.36
C LEU B 555 -27.50 0.47 -3.95
N GLU B 556 -27.30 1.57 -3.22
CA GLU B 556 -27.86 1.79 -1.89
C GLU B 556 -29.39 1.78 -1.92
N GLN B 557 -30.00 2.62 -2.78
CA GLN B 557 -31.45 2.59 -3.02
C GLN B 557 -31.85 1.15 -3.35
N ARG B 558 -31.04 0.49 -4.15
CA ARG B 558 -31.49 -0.81 -4.57
C ARG B 558 -31.56 -1.75 -3.36
N LEU B 559 -30.59 -1.62 -2.43
CA LEU B 559 -30.51 -2.44 -1.23
C LEU B 559 -31.69 -2.13 -0.30
N ASN B 560 -31.94 -0.83 -0.02
CA ASN B 560 -33.10 -0.36 0.74
C ASN B 560 -34.36 -1.09 0.26
N PHE B 561 -34.54 -1.21 -1.05
CA PHE B 561 -35.72 -1.86 -1.57
C PHE B 561 -35.78 -3.31 -1.07
N LEU B 562 -34.77 -4.14 -1.36
CA LEU B 562 -34.85 -5.54 -0.96
C LEU B 562 -35.08 -5.63 0.56
N VAL B 563 -34.58 -4.63 1.28
CA VAL B 563 -34.56 -4.71 2.74
C VAL B 563 -35.93 -4.35 3.30
N LEU B 564 -36.57 -3.35 2.69
CA LEU B 564 -37.97 -3.07 2.95
C LEU B 564 -38.85 -4.29 2.66
N ASN B 565 -38.36 -5.28 1.92
CA ASN B 565 -39.15 -6.45 1.57
C ASN B 565 -38.57 -7.67 2.28
N GLY B 566 -37.79 -7.41 3.34
CA GLY B 566 -37.31 -8.48 4.21
C GLY B 566 -36.36 -9.45 3.50
N ILE B 567 -35.49 -8.89 2.65
CA ILE B 567 -34.25 -9.54 2.27
C ILE B 567 -33.21 -9.07 3.28
N PRO B 568 -32.54 -10.00 4.02
CA PRO B 568 -31.67 -9.64 5.14
C PRO B 568 -30.48 -8.87 4.58
N ARG B 569 -30.22 -7.70 5.15
CA ARG B 569 -29.20 -6.78 4.67
C ARG B 569 -27.88 -7.53 4.42
N TYR B 570 -27.52 -8.43 5.34
CA TYR B 570 -26.23 -9.07 5.36
C TYR B 570 -26.10 -10.04 4.19
N ARG B 571 -27.11 -10.10 3.32
CA ARG B 571 -27.05 -11.08 2.24
C ARG B 571 -27.01 -10.40 0.88
N ILE B 572 -26.93 -9.07 0.92
CA ILE B 572 -26.94 -8.25 -0.28
C ILE B 572 -25.51 -7.78 -0.59
N LEU B 573 -25.00 -8.17 -1.77
CA LEU B 573 -23.70 -7.70 -2.23
C LEU B 573 -23.84 -6.66 -3.34
N PHE B 574 -22.92 -5.68 -3.34
CA PHE B 574 -22.86 -4.55 -4.25
C PHE B 574 -21.83 -4.86 -5.31
N ASP B 575 -22.12 -4.42 -6.54
CA ASP B 575 -21.20 -4.55 -7.66
C ASP B 575 -21.36 -3.36 -8.57
N ILE B 576 -20.28 -2.61 -8.74
CA ILE B 576 -20.24 -1.39 -9.54
C ILE B 576 -20.33 -1.71 -11.04
N GLY B 577 -20.21 -2.99 -11.43
CA GLY B 577 -20.35 -3.34 -12.83
C GLY B 577 -19.32 -2.65 -13.75
N LEU B 578 -18.05 -3.07 -13.67
CA LEU B 578 -16.99 -2.52 -14.49
C LEU B 578 -17.24 -2.87 -15.95
N GLY B 579 -17.06 -1.86 -16.83
CA GLY B 579 -17.20 -2.07 -18.26
C GLY B 579 -18.64 -2.03 -18.81
N PHE B 580 -19.64 -1.88 -17.91
CA PHE B 580 -21.05 -1.77 -18.27
C PHE B 580 -21.48 -0.30 -18.23
N ALA B 581 -21.55 0.35 -19.39
CA ALA B 581 -21.96 1.73 -19.50
C ALA B 581 -20.91 2.60 -18.81
N LYS B 582 -19.65 2.21 -18.99
CA LYS B 582 -18.52 2.94 -18.44
C LYS B 582 -17.42 2.94 -19.49
N LYS B 583 -16.94 4.15 -19.81
CA LYS B 583 -15.66 4.34 -20.49
C LYS B 583 -14.56 3.67 -19.67
N HIS B 584 -13.51 3.21 -20.35
CA HIS B 584 -12.27 2.78 -19.71
C HIS B 584 -11.83 3.70 -18.56
N ASP B 585 -11.73 5.02 -18.77
CA ASP B 585 -11.26 5.88 -17.69
C ASP B 585 -12.27 5.90 -16.54
N GLN B 586 -13.55 5.62 -16.85
CA GLN B 586 -14.58 5.56 -15.84
C GLN B 586 -14.50 4.26 -15.05
N SER B 587 -14.15 3.15 -15.70
CA SER B 587 -13.87 1.94 -14.95
C SER B 587 -12.68 2.13 -14.00
N ILE B 588 -11.61 2.81 -14.46
CA ILE B 588 -10.51 3.09 -13.52
C ILE B 588 -10.98 3.97 -12.37
N LYS B 589 -11.76 5.02 -12.69
CA LYS B 589 -12.14 5.96 -11.66
C LYS B 589 -12.92 5.27 -10.56
N LEU B 590 -13.79 4.33 -10.95
CA LEU B 590 -14.55 3.53 -10.00
C LEU B 590 -13.62 2.73 -9.09
N LEU B 591 -12.60 2.07 -9.66
CA LEU B 591 -11.61 1.34 -8.88
C LEU B 591 -10.83 2.29 -7.99
N GLN B 592 -10.37 3.40 -8.59
CA GLN B 592 -9.61 4.38 -7.84
C GLN B 592 -10.41 4.72 -6.60
N ASN B 593 -11.75 4.66 -6.70
CA ASN B 593 -12.60 5.19 -5.64
C ASN B 593 -13.35 4.08 -4.91
N ILE B 594 -12.84 2.85 -4.97
CA ILE B 594 -13.60 1.72 -4.44
C ILE B 594 -13.77 1.80 -2.91
N HIS B 595 -13.01 2.68 -2.24
CA HIS B 595 -13.05 2.80 -0.78
C HIS B 595 -14.45 3.19 -0.31
N VAL B 596 -15.18 3.91 -1.16
CA VAL B 596 -16.58 4.26 -0.95
C VAL B 596 -17.44 3.04 -0.59
N TYR B 597 -16.98 1.80 -0.82
CA TYR B 597 -17.77 0.62 -0.47
C TYR B 597 -17.24 -0.05 0.81
N ASP B 598 -16.55 0.73 1.69
CA ASP B 598 -15.85 0.15 2.84
C ASP B 598 -16.79 -0.48 3.87
N GLU B 599 -18.05 -0.01 3.90
CA GLU B 599 -19.06 -0.45 4.85
C GLU B 599 -19.83 -1.67 4.34
N TYR B 600 -19.55 -2.08 3.09
CA TYR B 600 -20.50 -2.89 2.34
C TYR B 600 -19.81 -4.14 1.82
N PRO B 601 -20.49 -5.30 1.72
CA PRO B 601 -19.91 -6.45 1.03
C PRO B 601 -19.84 -6.11 -0.46
N LEU B 602 -18.65 -6.29 -1.05
CA LEU B 602 -18.40 -5.80 -2.39
C LEU B 602 -17.94 -6.96 -3.24
N PHE B 603 -18.48 -7.02 -4.48
CA PHE B 603 -18.23 -8.05 -5.46
C PHE B 603 -17.95 -7.32 -6.76
N ILE B 604 -16.85 -7.62 -7.46
CA ILE B 604 -16.48 -6.89 -8.65
C ILE B 604 -15.95 -7.89 -9.67
N GLY B 605 -16.06 -7.51 -10.96
CA GLY B 605 -15.66 -8.32 -12.08
C GLY B 605 -14.91 -7.46 -13.09
N TYR B 606 -13.58 -7.58 -13.06
CA TYR B 606 -12.73 -6.85 -13.97
C TYR B 606 -12.26 -7.80 -15.07
N SER B 607 -12.39 -9.11 -14.82
CA SER B 607 -11.62 -10.11 -15.55
C SER B 607 -11.80 -10.03 -17.08
N ARG B 608 -10.70 -9.83 -17.79
CA ARG B 608 -10.62 -9.92 -19.24
C ARG B 608 -11.27 -8.72 -19.95
N LYS B 609 -11.71 -7.72 -19.18
CA LYS B 609 -12.49 -6.64 -19.76
C LYS B 609 -11.59 -5.66 -20.52
N ARG B 610 -12.21 -4.90 -21.41
CA ARG B 610 -11.45 -4.16 -22.40
C ARG B 610 -10.60 -3.10 -21.73
N PHE B 611 -11.07 -2.56 -20.60
CA PHE B 611 -10.39 -1.40 -20.04
C PHE B 611 -8.98 -1.75 -19.58
N ILE B 612 -8.75 -3.03 -19.23
CA ILE B 612 -7.46 -3.44 -18.72
C ILE B 612 -6.43 -3.20 -19.83
N ALA B 613 -6.72 -3.73 -21.02
CA ALA B 613 -5.97 -3.54 -22.26
C ALA B 613 -5.56 -2.08 -22.44
N HIS B 614 -6.54 -1.19 -22.27
CA HIS B 614 -6.43 0.23 -22.57
C HIS B 614 -5.39 0.88 -21.66
N CYS B 615 -5.12 0.26 -20.52
CA CYS B 615 -4.21 0.84 -19.54
C CYS B 615 -2.75 0.44 -19.79
N MET B 616 -2.45 -0.07 -20.99
CA MET B 616 -1.10 -0.53 -21.31
C MET B 616 -0.58 0.16 -22.57
N ASN B 617 -1.50 0.60 -23.44
CA ASN B 617 -1.19 1.27 -24.69
C ASN B 617 0.12 0.72 -25.28
N ASP B 657 -0.87 -13.90 -33.21
CA ASP B 657 0.31 -13.68 -32.32
C ASP B 657 0.18 -12.35 -31.60
N LYS B 658 0.06 -11.26 -32.39
CA LYS B 658 -0.14 -9.93 -31.83
C LYS B 658 -1.56 -9.83 -31.25
N ASP B 659 -2.40 -10.83 -31.55
CA ASP B 659 -3.72 -10.96 -30.96
C ASP B 659 -3.60 -11.67 -29.61
N GLN B 660 -2.58 -12.54 -29.50
CA GLN B 660 -2.39 -13.42 -28.36
C GLN B 660 -1.50 -12.75 -27.30
N LEU B 661 -0.67 -11.78 -27.73
CA LEU B 661 0.09 -10.95 -26.83
C LEU B 661 -0.86 -10.15 -25.95
N LEU B 662 -1.89 -9.58 -26.58
CA LEU B 662 -2.85 -8.76 -25.87
C LEU B 662 -3.72 -9.64 -24.98
N TYR B 663 -3.97 -10.89 -25.39
CA TYR B 663 -4.67 -11.85 -24.54
C TYR B 663 -3.87 -12.06 -23.25
N GLN B 664 -2.56 -12.33 -23.40
CA GLN B 664 -1.71 -12.59 -22.26
C GLN B 664 -1.64 -11.35 -21.37
N LYS B 665 -1.30 -10.20 -21.96
CA LYS B 665 -1.20 -8.95 -21.22
C LYS B 665 -2.48 -8.69 -20.44
N ASN B 666 -3.61 -9.14 -20.98
CA ASN B 666 -4.88 -8.86 -20.36
C ASN B 666 -5.03 -9.72 -19.09
N ILE B 667 -4.63 -10.99 -19.16
CA ILE B 667 -4.64 -11.83 -17.97
C ILE B 667 -3.67 -11.26 -16.93
N CYS B 668 -2.52 -10.77 -17.40
CA CYS B 668 -1.49 -10.26 -16.52
C CYS B 668 -2.01 -9.02 -15.83
N GLY B 669 -2.59 -8.09 -16.61
CA GLY B 669 -3.16 -6.86 -16.09
C GLY B 669 -4.22 -7.10 -15.02
N GLY B 670 -5.05 -8.14 -15.23
CA GLY B 670 -6.03 -8.61 -14.26
C GLY B 670 -5.41 -8.87 -12.90
N LEU B 671 -4.19 -9.44 -12.86
CA LEU B 671 -3.62 -9.82 -11.57
C LEU B 671 -3.17 -8.56 -10.81
N ALA B 672 -2.79 -7.51 -11.54
CA ALA B 672 -2.67 -6.22 -10.88
C ALA B 672 -3.98 -5.87 -10.16
N ILE B 673 -5.13 -6.07 -10.83
CA ILE B 673 -6.36 -5.63 -10.20
C ILE B 673 -6.67 -6.55 -9.03
N ALA B 674 -6.26 -7.81 -9.13
CA ALA B 674 -6.42 -8.72 -7.99
C ALA B 674 -5.60 -8.23 -6.79
N SER B 675 -4.38 -7.76 -7.06
CA SER B 675 -3.51 -7.25 -6.02
C SER B 675 -4.16 -6.02 -5.40
N TYR B 676 -4.55 -5.09 -6.28
CA TYR B 676 -5.25 -3.90 -5.83
C TYR B 676 -6.46 -4.30 -4.98
N SER B 677 -7.18 -5.34 -5.41
CA SER B 677 -8.43 -5.71 -4.77
C SER B 677 -8.12 -6.27 -3.39
N TYR B 678 -7.06 -7.08 -3.34
CA TYR B 678 -6.56 -7.68 -2.11
C TYR B 678 -6.30 -6.59 -1.07
N TYR B 679 -5.60 -5.51 -1.48
CA TYR B 679 -5.24 -4.45 -0.54
C TYR B 679 -6.40 -3.53 -0.24
N LYS B 680 -7.34 -3.38 -1.19
CA LYS B 680 -8.52 -2.58 -0.90
C LYS B 680 -9.55 -3.44 -0.18
N LYS B 681 -9.27 -4.75 -0.07
CA LYS B 681 -10.04 -5.66 0.77
C LYS B 681 -11.42 -5.93 0.17
N VAL B 682 -11.46 -6.17 -1.13
CA VAL B 682 -12.69 -6.45 -1.83
C VAL B 682 -13.13 -7.86 -1.46
N ASP B 683 -14.42 -8.03 -1.17
CA ASP B 683 -14.89 -9.30 -0.62
C ASP B 683 -14.90 -10.39 -1.68
N LEU B 684 -15.35 -10.12 -2.92
CA LEU B 684 -15.30 -11.18 -3.92
C LEU B 684 -14.86 -10.60 -5.27
N ILE B 685 -14.11 -11.39 -6.02
CA ILE B 685 -13.64 -10.99 -7.33
C ILE B 685 -13.98 -12.11 -8.29
N ARG B 686 -14.49 -11.71 -9.46
CA ARG B 686 -15.06 -12.64 -10.41
C ARG B 686 -14.08 -12.77 -11.57
N VAL B 687 -13.45 -13.94 -11.70
CA VAL B 687 -12.30 -14.08 -12.57
C VAL B 687 -12.47 -15.34 -13.41
N HIS B 688 -11.85 -15.33 -14.60
CA HIS B 688 -11.72 -16.49 -15.46
C HIS B 688 -10.54 -17.37 -15.05
N ASP B 689 -9.42 -16.75 -14.62
CA ASP B 689 -8.16 -17.45 -14.38
C ASP B 689 -7.94 -17.66 -12.89
N VAL B 690 -8.53 -18.73 -12.33
CA VAL B 690 -8.54 -18.98 -10.90
C VAL B 690 -7.11 -19.22 -10.39
N LEU B 691 -6.39 -20.12 -11.06
CA LEU B 691 -5.11 -20.57 -10.54
C LEU B 691 -4.16 -19.38 -10.41
N GLU B 692 -4.08 -18.57 -11.47
CA GLU B 692 -3.19 -17.41 -11.45
C GLU B 692 -3.64 -16.47 -10.34
N THR B 693 -4.96 -16.31 -10.16
CA THR B 693 -5.47 -15.38 -9.16
C THR B 693 -5.16 -15.89 -7.76
N LYS B 694 -5.46 -17.17 -7.51
CA LYS B 694 -5.21 -17.79 -6.21
C LYS B 694 -3.73 -17.68 -5.84
N SER B 695 -2.85 -17.91 -6.84
CA SER B 695 -1.42 -17.89 -6.57
C SER B 695 -1.09 -16.51 -6.04
N VAL B 696 -1.63 -15.49 -6.71
CA VAL B 696 -1.23 -14.13 -6.39
C VAL B 696 -1.76 -13.80 -5.01
N LEU B 697 -3.00 -14.22 -4.72
CA LEU B 697 -3.60 -13.90 -3.43
C LEU B 697 -2.87 -14.66 -2.32
N ASP B 698 -2.36 -15.85 -2.64
CA ASP B 698 -1.62 -16.66 -1.68
C ASP B 698 -0.35 -15.92 -1.24
N VAL B 699 0.50 -15.56 -2.21
CA VAL B 699 1.68 -14.82 -1.86
C VAL B 699 1.31 -13.55 -1.06
N LEU B 700 0.36 -12.77 -1.55
CA LEU B 700 0.07 -11.50 -0.87
C LEU B 700 -0.34 -11.78 0.57
N THR B 701 -1.07 -12.87 0.77
CA THR B 701 -1.58 -13.24 2.08
C THR B 701 -0.40 -13.52 3.03
N LYS B 702 0.61 -14.24 2.52
CA LYS B 702 1.79 -14.60 3.29
C LYS B 702 2.56 -13.33 3.69
N ILE B 703 2.93 -12.50 2.72
CA ILE B 703 3.67 -11.31 3.07
C ILE B 703 3.00 -10.59 4.23
N ASP B 704 1.67 -10.75 4.38
CA ASP B 704 0.91 -9.97 5.34
C ASP B 704 0.76 -10.70 6.67
N GLN B 705 0.97 -12.01 6.67
CA GLN B 705 0.86 -12.84 7.86
C GLN B 705 2.06 -12.60 8.77
N VAL B 706 1.91 -11.59 9.64
CA VAL B 706 2.89 -11.23 10.66
C VAL B 706 2.65 -12.09 11.90
N LYS B 707 3.74 -12.61 12.47
CA LYS B 707 3.66 -13.47 13.65
C LYS B 707 3.58 -12.60 14.90
N ASP B 708 4.35 -11.50 14.90
CA ASP B 708 4.48 -10.60 16.03
C ASP B 708 4.35 -9.17 15.52
N PRO B 709 3.21 -8.50 15.75
CA PRO B 709 3.00 -7.13 15.28
C PRO B 709 3.86 -6.01 15.87
N ASN B 710 4.74 -6.34 16.84
CA ASN B 710 5.56 -5.28 17.40
C ASN B 710 7.04 -5.50 17.07
N SER B 711 7.35 -6.65 16.45
CA SER B 711 8.71 -7.04 16.15
C SER B 711 9.42 -5.96 15.32
N SER B 712 8.64 -5.28 14.48
CA SER B 712 9.20 -4.25 13.64
C SER B 712 9.85 -3.13 14.46
N SER B 713 9.18 -2.63 15.52
CA SER B 713 9.75 -1.53 16.30
C SER B 713 10.70 -2.02 17.38
N VAL B 714 10.40 -3.19 17.95
CA VAL B 714 11.30 -3.84 18.89
C VAL B 714 12.65 -4.12 18.23
N ASP B 715 12.64 -4.77 17.05
CA ASP B 715 13.87 -5.15 16.37
C ASP B 715 14.65 -3.90 15.99
N LYS B 716 13.94 -2.80 15.72
CA LYS B 716 14.62 -1.56 15.39
C LYS B 716 15.38 -1.05 16.62
N LEU B 717 14.69 -1.05 17.77
CA LEU B 717 15.27 -0.54 18.99
C LEU B 717 16.47 -1.39 19.42
N ALA B 718 16.37 -2.70 19.25
CA ALA B 718 17.48 -3.57 19.59
C ALA B 718 18.71 -3.19 18.78
N ALA B 719 18.53 -2.94 17.47
CA ALA B 719 19.63 -2.61 16.57
C ALA B 719 20.32 -1.32 17.02
N ALA B 720 19.50 -0.35 17.46
CA ALA B 720 19.99 0.96 17.89
C ALA B 720 20.71 0.89 19.24
N LEU B 721 20.51 -0.19 20.02
CA LEU B 721 21.20 -0.34 21.29
C LEU B 721 22.42 -1.25 21.14
N GLU B 722 22.53 -1.89 19.97
CA GLU B 722 23.65 -2.73 19.60
C GLU B 722 24.73 -1.83 19.01
N HIS B 723 25.98 -2.03 19.46
CA HIS B 723 27.11 -1.18 19.13
C HIS B 723 28.40 -2.01 19.15
#